data_7C14
#
_entry.id   7C14
#
_cell.length_a   66.200
_cell.length_b   58.290
_cell.length_c   121.900
_cell.angle_alpha   90.000
_cell.angle_beta   94.780
_cell.angle_gamma   90.000
#
_symmetry.space_group_name_H-M   'P 1 21 1'
#
loop_
_entity.id
_entity.type
_entity.pdbx_description
1 polymer 'Sugar ABC transporter, periplasmic sugar-binding protein'
2 non-polymer GLYCEROL
3 non-polymer '[(1S,3R,3aR,6aS)-3-(2-azanyl-6-oxidanylidene-1H-purin-9-yl)-5,5-bis(oxidanyl)-1,3,3a,4,6,6a-hexahydrocyclopenta[c]furan-1-yl]methyl [(2R,3S,4R,5R)-5-[2,4-bis(oxidanylidene)pyrimidin-1-yl]-2-(hydroxymethyl)-4-oxidanyl-oxolan-3-yl] hydrogen phosphate'
4 non-polymer 1,2-ETHANEDIOL
5 non-polymer DI(HYDROXYETHYL)ETHER
6 water water
#
_entity_poly.entity_id   1
_entity_poly.type   'polypeptide(L)'
_entity_poly.pdbx_seq_one_letter_code
;MMKPEDVIKEQCARAKVVAELWHGFTGGAPKAALENLVVEFNKAQQGRCVRPVPQGGYRDLSTKIKAAFAAGKVPTMAQA
FENNIALYLEAKALLPIESLGVKLQGVNLTFLNAVRFGGVVYGVPFNKSIQVLYYNKDLLKKHGVPVPATLEEFVAAAKK
LSRAEGGPVYWFQPDASTFAYFFFNLGGSYLKDGKLVLNSKEAVEALTLLQNGVKEGWAKPITSGYINQNLGSGPYAFSV
DTSAGYTYYLRAAKFDLGVATLPGRTKGQPGYGLVAGTNLVVFRQASKEEQAVAKDFLEFVLSPRAQAVFATATGYVPVT
EGALKDPVYQAYAAENPDYATIVRQSRYAKFEPALAEWEQIRFDILGQAIKEAILNKADPKAALDRAQKLAEDLLSSRTR
HHHHHH
;
_entity_poly.pdbx_strand_id   A,B
#
# COMPACT_ATOMS: atom_id res chain seq x y z
N MET A 2 -20.42 27.30 29.63
CA MET A 2 -19.52 27.57 28.47
C MET A 2 -18.12 26.95 28.68
N LYS A 3 -17.60 26.33 27.61
CA LYS A 3 -16.35 25.54 27.60
C LYS A 3 -15.24 26.35 26.97
N PRO A 4 -13.97 26.06 27.37
CA PRO A 4 -12.78 26.67 26.78
C PRO A 4 -12.59 26.47 25.27
N GLU A 5 -13.10 25.40 24.66
CA GLU A 5 -13.04 25.24 23.19
C GLU A 5 -14.03 26.17 22.49
N ASP A 6 -15.02 26.72 23.20
CA ASP A 6 -16.01 27.70 22.63
C ASP A 6 -15.36 29.08 22.59
N VAL A 7 -14.80 29.52 23.72
CA VAL A 7 -13.93 30.73 23.81
C VAL A 7 -12.94 30.72 22.64
N ILE A 8 -12.26 29.59 22.42
CA ILE A 8 -11.21 29.42 21.37
C ILE A 8 -11.84 29.62 19.99
N LYS A 9 -13.02 29.02 19.73
CA LYS A 9 -13.73 29.10 18.42
C LYS A 9 -14.04 30.57 18.10
N GLU A 10 -14.53 31.32 19.10
CA GLU A 10 -14.78 32.79 19.02
C GLU A 10 -13.44 33.52 18.84
N GLN A 11 -12.45 33.25 19.69
CA GLN A 11 -11.13 33.92 19.62
C GLN A 11 -10.59 33.88 18.18
N CYS A 12 -10.68 32.73 17.51
CA CYS A 12 -10.01 32.50 16.20
C CYS A 12 -10.80 33.13 15.05
N ALA A 13 -12.13 33.15 15.14
CA ALA A 13 -13.02 33.75 14.12
C ALA A 13 -12.73 35.25 13.98
N ARG A 14 -12.27 35.91 15.05
CA ARG A 14 -12.01 37.37 15.17
C ARG A 14 -10.52 37.67 14.89
N ALA A 15 -9.80 36.73 14.27
CA ALA A 15 -8.32 36.69 14.17
C ALA A 15 -7.90 36.72 12.69
N LYS A 16 -6.80 37.42 12.39
CA LYS A 16 -6.24 37.61 11.02
C LYS A 16 -5.36 36.39 10.65
N VAL A 17 -4.75 35.74 11.64
CA VAL A 17 -3.88 34.55 11.45
C VAL A 17 -4.15 33.51 12.56
N VAL A 18 -4.34 32.27 12.13
CA VAL A 18 -4.77 31.13 12.99
C VAL A 18 -3.81 29.97 12.75
N ALA A 19 -3.17 29.50 13.80
CA ALA A 19 -2.26 28.36 13.76
C ALA A 19 -2.99 27.15 14.39
N GLU A 20 -3.27 26.14 13.60
CA GLU A 20 -3.89 24.88 14.09
C GLU A 20 -2.84 24.05 14.84
N LEU A 21 -3.23 23.47 15.97
CA LEU A 21 -2.41 22.53 16.78
C LEU A 21 -3.18 21.20 16.88
N TRP A 22 -2.77 20.18 16.15
CA TRP A 22 -3.45 18.86 16.18
C TRP A 22 -2.93 18.10 17.42
N HIS A 23 -3.81 17.47 18.18
CA HIS A 23 -3.44 16.82 19.46
C HIS A 23 -4.22 15.54 19.66
N GLY A 24 -3.84 14.77 20.67
CA GLY A 24 -4.35 13.42 20.97
C GLY A 24 -4.98 13.35 22.36
N PHE A 25 -5.36 14.49 22.91
CA PHE A 25 -6.07 14.60 24.20
C PHE A 25 -7.56 14.42 23.94
N THR A 26 -8.11 13.33 24.43
CA THR A 26 -9.52 12.96 24.20
C THR A 26 -10.47 13.71 25.14
N GLY A 27 -10.06 13.92 26.37
CA GLY A 27 -10.87 14.59 27.41
C GLY A 27 -10.05 14.76 28.66
N GLY A 28 -10.69 14.82 29.81
CA GLY A 28 -10.01 14.99 31.10
C GLY A 28 -9.17 16.25 31.28
N ALA A 29 -8.32 16.26 32.30
CA ALA A 29 -7.48 17.43 32.66
C ALA A 29 -6.46 17.71 31.56
N PRO A 30 -5.81 16.71 30.94
CA PRO A 30 -4.94 16.93 29.81
C PRO A 30 -5.55 17.86 28.75
N LYS A 31 -6.76 17.57 28.29
CA LYS A 31 -7.45 18.40 27.28
C LYS A 31 -7.81 19.78 27.85
N ALA A 32 -8.13 19.85 29.12
CA ALA A 32 -8.67 21.10 29.70
C ALA A 32 -7.49 22.06 29.96
N ALA A 33 -6.34 21.53 30.38
CA ALA A 33 -5.11 22.28 30.72
C ALA A 33 -4.47 22.81 29.42
N LEU A 34 -4.47 22.04 28.34
CA LEU A 34 -4.04 22.51 26.98
C LEU A 34 -4.98 23.62 26.47
N GLU A 35 -6.29 23.47 26.66
CA GLU A 35 -7.29 24.46 26.17
C GLU A 35 -7.14 25.76 26.95
N ASN A 36 -7.06 25.67 28.27
CA ASN A 36 -6.86 26.84 29.18
C ASN A 36 -5.57 27.60 28.84
N LEU A 37 -4.49 26.87 28.67
CA LEU A 37 -3.19 27.41 28.20
C LEU A 37 -3.41 28.29 26.97
N VAL A 38 -4.07 27.71 25.96
CA VAL A 38 -4.38 28.34 24.63
C VAL A 38 -5.25 29.58 24.82
N VAL A 39 -6.30 29.50 25.67
CA VAL A 39 -7.19 30.66 25.96
C VAL A 39 -6.32 31.83 26.45
N GLU A 40 -5.54 31.60 27.50
CA GLU A 40 -4.62 32.60 28.11
C GLU A 40 -3.76 33.21 26.98
N PHE A 41 -3.11 32.38 26.15
CA PHE A 41 -2.17 32.81 25.07
C PHE A 41 -2.92 33.71 24.08
N ASN A 42 -4.06 33.25 23.57
CA ASN A 42 -4.87 33.96 22.55
C ASN A 42 -5.32 35.33 23.07
N LYS A 43 -5.52 35.49 24.38
CA LYS A 43 -5.95 36.76 25.03
C LYS A 43 -4.88 37.85 24.84
N ALA A 44 -3.61 37.50 24.96
CA ALA A 44 -2.50 38.49 24.89
C ALA A 44 -2.18 38.82 23.43
N GLN A 45 -2.85 38.19 22.47
CA GLN A 45 -2.61 38.42 21.02
C GLN A 45 -3.55 39.50 20.53
N GLN A 46 -3.27 40.01 19.31
CA GLN A 46 -4.19 40.95 18.60
C GLN A 46 -4.42 40.40 17.19
N GLY A 47 -5.43 39.54 17.06
CA GLY A 47 -5.83 38.91 15.78
C GLY A 47 -4.84 37.83 15.38
N ARG A 48 -4.07 37.32 16.35
CA ARG A 48 -3.21 36.11 16.26
C ARG A 48 -3.84 35.02 17.13
N CYS A 49 -3.69 33.73 16.82
CA CYS A 49 -4.26 32.65 17.69
C CYS A 49 -3.76 31.25 17.35
N VAL A 50 -3.84 30.36 18.35
CA VAL A 50 -3.81 28.88 18.16
C VAL A 50 -5.23 28.33 18.34
N ARG A 51 -5.63 27.43 17.43
CA ARG A 51 -6.86 26.60 17.50
C ARG A 51 -6.44 25.15 17.71
N PRO A 52 -6.59 24.60 18.94
CA PRO A 52 -6.38 23.18 19.22
C PRO A 52 -7.45 22.39 18.47
N VAL A 53 -7.04 21.41 17.67
CA VAL A 53 -7.92 20.49 16.93
C VAL A 53 -7.63 19.11 17.46
N PRO A 54 -8.56 18.49 18.21
CA PRO A 54 -8.39 17.13 18.67
C PRO A 54 -8.56 16.16 17.50
N GLN A 55 -7.90 15.01 17.54
CA GLN A 55 -7.83 14.06 16.40
C GLN A 55 -8.11 12.62 16.85
N GLY A 56 -8.53 12.44 18.12
CA GLY A 56 -8.65 11.16 18.82
C GLY A 56 -7.44 10.94 19.71
N GLY A 57 -6.96 9.70 19.80
CA GLY A 57 -5.74 9.37 20.56
C GLY A 57 -4.52 9.67 19.74
N TYR A 58 -3.34 9.34 20.28
CA TYR A 58 -2.03 9.67 19.68
C TYR A 58 -1.87 8.95 18.34
N ARG A 59 -2.42 7.72 18.23
CA ARG A 59 -2.27 6.89 17.01
C ARG A 59 -3.17 7.46 15.92
N ASP A 60 -4.36 7.94 16.27
CA ASP A 60 -5.28 8.67 15.36
C ASP A 60 -4.59 9.92 14.81
N LEU A 61 -3.95 10.70 15.68
CA LEU A 61 -3.11 11.89 15.32
C LEU A 61 -2.07 11.55 14.23
N SER A 62 -1.18 10.58 14.47
CA SER A 62 -0.07 10.29 13.53
C SER A 62 -0.63 9.86 12.17
N THR A 63 -1.69 9.03 12.17
CA THR A 63 -2.45 8.55 10.98
C THR A 63 -3.03 9.73 10.18
N LYS A 64 -3.66 10.70 10.88
CA LYS A 64 -4.29 11.88 10.25
C LYS A 64 -3.23 12.87 9.75
N ILE A 65 -2.06 12.94 10.40
CA ILE A 65 -0.87 13.71 9.93
C ILE A 65 -0.29 13.04 8.67
N LYS A 66 -0.09 11.73 8.68
CA LYS A 66 0.29 10.94 7.48
C LYS A 66 -0.60 11.34 6.28
N ALA A 67 -1.93 11.33 6.48
CA ALA A 67 -2.95 11.63 5.44
C ALA A 67 -2.86 13.12 5.11
N ALA A 68 -2.77 13.99 6.13
CA ALA A 68 -2.52 15.45 5.98
C ALA A 68 -1.44 15.70 4.92
N PHE A 69 -0.35 14.90 4.92
CA PHE A 69 0.77 14.99 3.94
C PHE A 69 0.33 14.64 2.51
N ALA A 70 -0.36 13.52 2.33
CA ALA A 70 -0.89 13.05 1.01
C ALA A 70 -1.90 14.07 0.47
N ALA A 71 -2.66 14.74 1.34
CA ALA A 71 -3.79 15.65 1.03
C ALA A 71 -3.30 17.06 0.68
N GLY A 72 -2.13 17.47 1.20
CA GLY A 72 -1.49 18.78 0.91
C GLY A 72 -1.68 19.84 2.00
N LYS A 73 -2.42 19.54 3.08
CA LYS A 73 -2.82 20.54 4.13
C LYS A 73 -2.43 20.00 5.50
N VAL A 74 -1.41 20.57 6.13
CA VAL A 74 -0.92 20.17 7.47
C VAL A 74 -1.24 21.28 8.45
N PRO A 75 -1.28 21.02 9.77
CA PRO A 75 -1.47 22.09 10.74
C PRO A 75 -0.16 22.89 10.86
N THR A 76 -0.16 23.95 11.66
CA THR A 76 1.09 24.66 12.05
C THR A 76 1.90 23.71 12.94
N MET A 77 1.27 23.17 13.97
CA MET A 77 1.91 22.41 15.06
C MET A 77 1.15 21.10 15.26
N ALA A 78 1.79 20.09 15.84
CA ALA A 78 1.14 18.86 16.34
C ALA A 78 1.97 18.25 17.47
N GLN A 79 1.32 17.38 18.24
CA GLN A 79 2.00 16.46 19.19
C GLN A 79 2.61 15.33 18.36
N ALA A 80 3.77 14.83 18.81
CA ALA A 80 4.59 13.82 18.14
C ALA A 80 5.49 13.17 19.20
N PHE A 81 5.59 11.84 19.18
CA PHE A 81 6.62 11.07 19.88
C PHE A 81 7.90 11.22 19.06
N GLU A 82 9.01 10.98 19.72
CA GLU A 82 10.37 11.03 19.12
C GLU A 82 10.32 10.23 17.80
N ASN A 83 9.64 9.09 17.78
CA ASN A 83 9.63 8.16 16.62
C ASN A 83 8.75 8.70 15.49
N ASN A 84 7.64 9.39 15.79
CA ASN A 84 6.81 10.08 14.77
C ASN A 84 7.68 11.18 14.15
N ILE A 85 8.48 11.88 14.98
CA ILE A 85 9.46 12.90 14.51
C ILE A 85 10.42 12.28 13.51
N ALA A 86 11.00 11.12 13.81
CA ALA A 86 11.86 10.37 12.86
C ALA A 86 11.09 10.21 11.55
N LEU A 87 9.83 9.77 11.59
CA LEU A 87 9.03 9.52 10.36
C LEU A 87 8.90 10.81 9.55
N TYR A 88 8.52 11.92 10.18
CA TYR A 88 8.23 13.21 9.50
C TYR A 88 9.55 13.78 8.95
N LEU A 89 10.68 13.50 9.60
CA LEU A 89 12.00 14.00 9.15
C LEU A 89 12.39 13.31 7.84
N GLU A 90 11.96 12.07 7.62
CA GLU A 90 12.26 11.32 6.37
C GLU A 90 11.63 12.06 5.18
N ALA A 91 10.47 12.69 5.37
CA ALA A 91 9.77 13.48 4.32
C ALA A 91 10.14 14.97 4.43
N LYS A 92 11.08 15.34 5.29
CA LYS A 92 11.64 16.73 5.48
C LYS A 92 10.57 17.71 6.01
N ALA A 93 9.50 17.24 6.66
CA ALA A 93 8.29 18.05 6.95
C ALA A 93 8.48 19.08 8.07
N LEU A 94 9.54 18.98 8.91
CA LEU A 94 9.60 19.72 10.21
C LEU A 94 10.61 20.89 10.14
N LEU A 95 10.27 22.02 10.77
CA LEU A 95 11.20 23.16 11.02
C LEU A 95 12.07 22.84 12.24
N PRO A 96 13.41 23.01 12.14
CA PRO A 96 14.26 23.09 13.33
C PRO A 96 13.75 24.23 14.24
N ILE A 97 13.53 23.89 15.52
CA ILE A 97 12.88 24.77 16.54
C ILE A 97 13.74 26.03 16.77
N GLU A 98 15.07 25.89 16.76
CA GLU A 98 16.05 26.97 17.08
C GLU A 98 16.12 27.97 15.94
N SER A 99 15.99 27.56 14.67
CA SER A 99 15.90 28.51 13.52
C SER A 99 14.68 29.44 13.67
N LEU A 100 13.59 28.98 14.29
CA LEU A 100 12.48 29.87 14.75
C LEU A 100 12.96 30.85 15.84
N GLY A 101 14.03 30.54 16.56
CA GLY A 101 14.58 31.38 17.64
C GLY A 101 13.91 31.18 19.00
N VAL A 102 13.27 30.02 19.26
CA VAL A 102 12.83 29.62 20.62
C VAL A 102 14.07 29.27 21.47
N LYS A 103 14.28 30.00 22.57
CA LYS A 103 15.39 29.70 23.52
C LYS A 103 15.03 28.39 24.23
N LEU A 104 15.93 27.40 24.14
CA LEU A 104 15.74 26.04 24.70
C LEU A 104 16.62 25.83 25.94
N GLN A 105 17.46 26.80 26.31
CA GLN A 105 18.25 26.74 27.57
C GLN A 105 17.25 26.68 28.73
N GLY A 106 17.56 25.86 29.74
CA GLY A 106 16.67 25.53 30.87
C GLY A 106 15.85 24.27 30.64
N VAL A 107 15.61 23.86 29.39
CA VAL A 107 14.80 22.63 29.06
C VAL A 107 15.59 21.41 29.54
N ASN A 108 15.00 20.53 30.35
CA ASN A 108 15.56 19.24 30.80
C ASN A 108 16.26 18.59 29.58
N LEU A 109 17.50 18.13 29.78
CA LEU A 109 18.43 17.65 28.72
C LEU A 109 18.03 16.23 28.28
N THR A 110 17.52 15.43 29.22
CA THR A 110 16.75 14.19 28.98
C THR A 110 15.76 14.44 27.85
N PHE A 111 14.85 15.41 28.03
CA PHE A 111 13.77 15.74 27.06
C PHE A 111 14.37 16.33 25.77
N LEU A 112 15.34 17.23 25.91
CA LEU A 112 15.99 17.90 24.75
C LEU A 112 16.77 16.88 23.90
N ASN A 113 17.51 15.95 24.51
CA ASN A 113 18.31 14.93 23.77
C ASN A 113 17.35 14.06 22.94
N ALA A 114 16.16 13.75 23.47
CA ALA A 114 15.17 12.87 22.79
C ALA A 114 14.63 13.53 21.49
N VAL A 115 14.65 14.87 21.39
CA VAL A 115 14.03 15.64 20.26
C VAL A 115 15.11 16.14 19.31
N ARG A 116 16.36 15.70 19.50
CA ARG A 116 17.53 16.21 18.77
C ARG A 116 17.98 15.13 17.80
N PHE A 117 17.90 15.37 16.49
CA PHE A 117 18.33 14.42 15.43
C PHE A 117 19.40 15.09 14.58
N GLY A 118 20.53 14.40 14.41
CA GLY A 118 21.76 14.92 13.78
C GLY A 118 22.17 16.24 14.42
N GLY A 119 22.23 16.29 15.76
CA GLY A 119 22.60 17.51 16.50
C GLY A 119 21.54 18.61 16.42
N VAL A 120 20.40 18.39 15.74
CA VAL A 120 19.40 19.46 15.45
C VAL A 120 18.07 19.11 16.14
N VAL A 121 17.58 20.03 16.99
CA VAL A 121 16.30 19.90 17.74
C VAL A 121 15.17 20.17 16.75
N TYR A 122 14.22 19.24 16.62
CA TYR A 122 13.00 19.37 15.75
C TYR A 122 11.68 19.29 16.55
N GLY A 123 11.78 19.31 17.89
CA GLY A 123 10.63 19.32 18.80
C GLY A 123 10.92 20.12 20.09
N VAL A 124 9.83 20.68 20.62
CA VAL A 124 9.70 21.31 21.97
C VAL A 124 8.99 20.32 22.88
N PRO A 125 9.65 19.79 23.94
CA PRO A 125 8.95 18.94 24.91
C PRO A 125 7.75 19.70 25.52
N PHE A 126 6.53 19.15 25.42
CA PHE A 126 5.30 19.81 25.94
C PHE A 126 4.76 19.07 27.16
N ASN A 127 4.18 17.89 26.90
CA ASN A 127 3.47 17.02 27.88
C ASN A 127 4.30 15.76 28.01
N LYS A 128 5.22 15.74 28.96
CA LYS A 128 6.17 14.63 29.09
C LYS A 128 5.83 13.93 30.38
N SER A 129 5.56 12.64 30.29
CA SER A 129 5.13 11.77 31.39
C SER A 129 6.24 10.79 31.74
N ILE A 130 6.19 10.33 32.99
CA ILE A 130 7.05 9.24 33.51
C ILE A 130 6.15 8.23 34.21
N GLN A 131 6.45 6.93 34.05
CA GLN A 131 5.79 5.83 34.78
C GLN A 131 6.02 6.04 36.29
N VAL A 132 4.98 5.97 37.12
CA VAL A 132 5.14 5.90 38.61
C VAL A 132 4.54 4.61 39.14
N LEU A 133 4.77 4.27 40.41
CA LEU A 133 3.97 3.26 41.17
C LEU A 133 2.75 3.98 41.80
N TYR A 134 1.56 3.76 41.23
CA TYR A 134 0.27 4.15 41.86
C TYR A 134 -0.02 3.04 42.85
N TYR A 135 -0.60 3.36 43.99
CA TYR A 135 -0.88 2.30 45.00
C TYR A 135 -2.04 2.68 45.91
N ASN A 136 -2.51 1.65 46.63
CA ASN A 136 -3.67 1.74 47.55
C ASN A 136 -3.12 1.91 48.97
N LYS A 137 -3.15 3.13 49.49
CA LYS A 137 -2.56 3.44 50.81
C LYS A 137 -3.31 2.66 51.87
N ASP A 138 -4.64 2.70 51.82
CA ASP A 138 -5.53 1.99 52.76
C ASP A 138 -5.15 0.50 52.77
N LEU A 139 -5.06 -0.11 51.61
CA LEU A 139 -4.86 -1.58 51.50
C LEU A 139 -3.48 -1.98 52.06
N LEU A 140 -2.42 -1.25 51.74
CA LEU A 140 -1.05 -1.52 52.26
C LEU A 140 -1.01 -1.36 53.77
N LYS A 141 -1.76 -0.42 54.32
CA LYS A 141 -1.77 -0.14 55.78
C LYS A 141 -2.51 -1.27 56.46
N LYS A 142 -3.54 -1.78 55.78
CA LYS A 142 -4.40 -2.86 56.33
C LYS A 142 -3.55 -4.07 56.69
N HIS A 143 -2.45 -4.32 55.98
CA HIS A 143 -1.68 -5.60 56.04
C HIS A 143 -0.23 -5.36 56.49
N GLY A 144 0.10 -4.14 56.91
CA GLY A 144 1.45 -3.78 57.40
C GLY A 144 2.49 -4.09 56.34
N VAL A 145 2.20 -3.71 55.10
CA VAL A 145 3.05 -3.89 53.90
C VAL A 145 3.64 -2.53 53.61
N PRO A 146 4.98 -2.35 53.76
CA PRO A 146 5.68 -1.13 53.36
C PRO A 146 5.57 -0.99 51.85
N VAL A 147 5.65 0.25 51.39
CA VAL A 147 5.65 0.61 49.94
C VAL A 147 6.86 -0.10 49.33
N PRO A 148 6.73 -0.92 48.28
CA PRO A 148 7.87 -1.73 47.84
C PRO A 148 8.88 -0.80 47.14
N ALA A 149 10.17 -0.96 47.48
CA ALA A 149 11.32 -0.15 47.00
C ALA A 149 12.13 -0.92 45.96
N THR A 150 12.04 -2.26 45.93
CA THR A 150 12.80 -3.12 44.98
C THR A 150 11.86 -4.06 44.22
N LEU A 151 12.27 -4.52 43.04
CA LEU A 151 11.48 -5.49 42.27
C LEU A 151 11.08 -6.63 43.21
N GLU A 152 12.08 -7.20 43.92
CA GLU A 152 11.94 -8.31 44.90
C GLU A 152 10.80 -8.00 45.86
N GLU A 153 10.78 -6.80 46.45
CA GLU A 153 9.81 -6.43 47.51
C GLU A 153 8.42 -6.34 46.87
N PHE A 154 8.36 -5.82 45.64
CA PHE A 154 7.12 -5.64 44.83
C PHE A 154 6.42 -6.97 44.52
N VAL A 155 7.17 -7.97 44.03
CA VAL A 155 6.66 -9.36 43.81
C VAL A 155 6.21 -9.96 45.14
N ALA A 156 7.02 -9.84 46.20
CA ALA A 156 6.67 -10.42 47.52
C ALA A 156 5.40 -9.75 48.08
N ALA A 157 5.30 -8.43 47.96
CA ALA A 157 4.17 -7.61 48.47
C ALA A 157 2.90 -7.89 47.66
N ALA A 158 2.99 -7.96 46.32
CA ALA A 158 1.85 -8.32 45.43
C ALA A 158 1.29 -9.72 45.81
N LYS A 159 2.17 -10.69 46.09
CA LYS A 159 1.79 -12.06 46.46
C LYS A 159 1.13 -12.05 47.84
N LYS A 160 1.57 -11.15 48.73
CA LYS A 160 1.12 -11.17 50.14
C LYS A 160 -0.27 -10.54 50.23
N LEU A 161 -0.50 -9.47 49.46
CA LEU A 161 -1.80 -8.75 49.43
C LEU A 161 -2.81 -9.56 48.60
N SER A 162 -2.36 -10.22 47.53
CA SER A 162 -3.26 -11.05 46.67
C SER A 162 -3.83 -12.19 47.51
N ARG A 163 -2.94 -12.90 48.23
CA ARG A 163 -3.30 -14.03 49.12
C ARG A 163 -4.29 -13.50 50.17
N ALA A 164 -4.00 -12.38 50.81
CA ALA A 164 -4.84 -11.83 51.89
C ALA A 164 -6.23 -11.51 51.37
N GLU A 165 -6.36 -10.96 50.15
CA GLU A 165 -7.61 -10.31 49.65
C GLU A 165 -8.37 -11.23 48.66
N GLY A 166 -7.84 -12.40 48.31
CA GLY A 166 -8.53 -13.41 47.46
C GLY A 166 -8.53 -13.02 45.98
N GLY A 167 -7.52 -12.32 45.50
CA GLY A 167 -7.45 -11.90 44.08
C GLY A 167 -6.24 -11.00 43.76
N PRO A 168 -5.90 -10.87 42.46
CA PRO A 168 -4.60 -10.31 42.07
C PRO A 168 -4.59 -8.77 42.22
N VAL A 169 -3.56 -8.25 42.91
CA VAL A 169 -3.51 -6.83 43.36
C VAL A 169 -2.57 -6.00 42.49
N TYR A 170 -1.61 -6.57 41.76
CA TYR A 170 -0.85 -5.80 40.74
C TYR A 170 -1.64 -5.73 39.43
N TRP A 171 -2.19 -4.58 39.06
CA TRP A 171 -2.99 -4.35 37.81
C TRP A 171 -2.08 -3.77 36.72
N PHE A 172 -2.08 -4.36 35.53
CA PHE A 172 -1.26 -3.93 34.39
C PHE A 172 -2.03 -4.13 33.11
N GLN A 173 -1.73 -3.35 32.09
CA GLN A 173 -2.17 -3.53 30.70
C GLN A 173 -1.09 -4.38 30.05
N PRO A 174 -1.45 -5.44 29.30
CA PRO A 174 -0.48 -6.27 28.58
C PRO A 174 -0.01 -5.57 27.28
N ASP A 175 0.79 -4.52 27.48
CA ASP A 175 1.20 -3.59 26.39
C ASP A 175 2.71 -3.33 26.49
N ALA A 176 3.31 -2.69 25.49
CA ALA A 176 4.76 -2.44 25.35
C ALA A 176 5.23 -1.56 26.51
N SER A 177 4.38 -0.62 26.95
CA SER A 177 4.74 0.37 27.99
C SER A 177 4.96 -0.33 29.34
N THR A 178 4.09 -1.25 29.71
CA THR A 178 4.20 -1.95 30.98
C THR A 178 5.42 -2.89 30.88
N PHE A 179 5.51 -3.62 29.77
CA PHE A 179 6.61 -4.58 29.51
C PHE A 179 7.92 -3.78 29.60
N ALA A 180 7.92 -2.52 29.12
CA ALA A 180 9.09 -1.60 29.13
C ALA A 180 9.59 -1.46 30.57
N TYR A 181 8.69 -1.27 31.54
CA TYR A 181 9.12 -1.13 32.94
C TYR A 181 9.97 -2.34 33.36
N PHE A 182 9.50 -3.56 33.11
CA PHE A 182 10.13 -4.81 33.64
C PHE A 182 11.37 -5.15 32.79
N PHE A 183 11.26 -4.97 31.46
CA PHE A 183 12.42 -5.08 30.52
C PHE A 183 13.62 -4.26 31.00
N PHE A 184 13.43 -2.96 31.18
CA PHE A 184 14.49 -1.98 31.57
C PHE A 184 15.07 -2.38 32.91
N ASN A 185 14.24 -2.66 33.93
CA ASN A 185 14.77 -2.87 35.30
C ASN A 185 15.26 -4.32 35.51
N LEU A 186 15.33 -5.14 34.45
CA LEU A 186 16.05 -6.46 34.43
C LEU A 186 17.27 -6.36 33.50
N GLY A 187 17.72 -5.15 33.14
CA GLY A 187 18.99 -4.91 32.46
C GLY A 187 18.82 -4.88 30.96
N GLY A 188 17.59 -4.89 30.50
CA GLY A 188 17.29 -5.08 29.06
C GLY A 188 17.44 -3.79 28.31
N SER A 189 17.87 -3.89 27.06
CA SER A 189 18.00 -2.73 26.15
C SER A 189 17.54 -3.16 24.75
N TYR A 190 16.89 -2.27 24.03
CA TYR A 190 16.24 -2.56 22.74
C TYR A 190 17.27 -2.63 21.60
N LEU A 191 18.28 -1.74 21.53
CA LEU A 191 19.33 -1.80 20.46
C LEU A 191 20.52 -2.63 20.93
N LYS A 192 21.06 -3.47 20.03
CA LYS A 192 22.30 -4.25 20.21
C LYS A 192 23.21 -4.05 18.98
N ASP A 193 24.12 -3.08 19.09
CA ASP A 193 25.11 -2.71 18.05
C ASP A 193 24.28 -2.13 16.87
N GLY A 194 23.16 -1.47 17.20
CA GLY A 194 22.33 -0.70 16.24
C GLY A 194 21.13 -1.51 15.74
N LYS A 195 21.07 -2.80 16.09
CA LYS A 195 20.01 -3.73 15.64
C LYS A 195 18.92 -3.79 16.71
N LEU A 196 17.68 -3.60 16.28
CA LEU A 196 16.53 -3.58 17.22
C LEU A 196 16.30 -5.04 17.59
N VAL A 197 16.34 -5.35 18.88
CA VAL A 197 16.15 -6.73 19.39
C VAL A 197 14.99 -6.75 20.37
N LEU A 198 13.97 -7.54 20.04
CA LEU A 198 12.77 -7.77 20.88
C LEU A 198 12.83 -9.11 21.64
N ASN A 199 13.81 -9.98 21.39
CA ASN A 199 13.77 -11.38 21.91
C ASN A 199 15.02 -11.71 22.73
N SER A 200 15.72 -10.70 23.22
CA SER A 200 16.86 -10.84 24.16
C SER A 200 16.36 -11.57 25.41
N LYS A 201 17.26 -12.17 26.21
CA LYS A 201 16.85 -12.97 27.38
C LYS A 201 16.24 -12.07 28.47
N GLU A 202 16.50 -10.76 28.47
CA GLU A 202 15.86 -9.79 29.44
C GLU A 202 14.41 -9.51 29.03
N ALA A 203 14.11 -9.63 27.73
CA ALA A 203 12.76 -9.55 27.14
C ALA A 203 12.01 -10.78 27.59
N VAL A 204 12.57 -11.94 27.34
CA VAL A 204 11.96 -13.24 27.70
C VAL A 204 11.74 -13.24 29.22
N GLU A 205 12.71 -12.76 30.02
CA GLU A 205 12.56 -12.78 31.50
C GLU A 205 11.41 -11.88 31.93
N ALA A 206 11.20 -10.79 31.20
CA ALA A 206 10.26 -9.69 31.51
C ALA A 206 8.84 -10.12 31.24
N LEU A 207 8.60 -10.71 30.08
CA LEU A 207 7.31 -11.31 29.69
C LEU A 207 7.04 -12.55 30.58
N THR A 208 8.06 -13.32 30.91
CA THR A 208 7.86 -14.50 31.77
C THR A 208 7.32 -14.01 33.11
N LEU A 209 7.87 -12.92 33.63
CA LEU A 209 7.56 -12.45 35.00
C LEU A 209 6.06 -12.15 35.08
N LEU A 210 5.56 -11.32 34.17
CA LEU A 210 4.11 -10.98 34.03
C LEU A 210 3.29 -12.26 33.83
N GLN A 211 3.75 -13.20 33.00
CA GLN A 211 2.98 -14.44 32.72
C GLN A 211 2.96 -15.28 34.00
N ASN A 212 4.07 -15.40 34.72
CA ASN A 212 4.12 -16.16 35.99
C ASN A 212 3.25 -15.42 37.03
N GLY A 213 3.26 -14.08 37.02
CA GLY A 213 2.45 -13.23 37.92
C GLY A 213 0.97 -13.48 37.75
N VAL A 214 0.54 -13.65 36.50
CA VAL A 214 -0.88 -13.93 36.17
C VAL A 214 -1.20 -15.34 36.63
N LYS A 215 -0.31 -16.30 36.34
CA LYS A 215 -0.50 -17.75 36.63
C LYS A 215 -0.61 -17.94 38.14
N GLU A 216 0.19 -17.19 38.91
CA GLU A 216 0.36 -17.37 40.38
C GLU A 216 -0.69 -16.53 41.12
N GLY A 217 -1.54 -15.78 40.39
CA GLY A 217 -2.69 -15.07 40.98
C GLY A 217 -2.32 -13.74 41.66
N TRP A 218 -1.15 -13.14 41.37
CA TRP A 218 -0.80 -11.80 41.92
C TRP A 218 -0.89 -10.70 40.85
N ALA A 219 -0.85 -11.01 39.54
CA ALA A 219 -0.99 -9.96 38.50
C ALA A 219 -2.33 -10.09 37.75
N LYS A 220 -3.01 -8.97 37.51
CA LYS A 220 -4.33 -8.88 36.84
C LYS A 220 -4.19 -8.17 35.50
N PRO A 221 -4.32 -8.90 34.38
CA PRO A 221 -4.28 -8.27 33.06
C PRO A 221 -5.57 -7.46 32.93
N ILE A 222 -5.48 -6.19 32.51
CA ILE A 222 -6.65 -5.28 32.31
C ILE A 222 -6.87 -5.11 30.80
N THR A 223 -7.97 -5.62 30.26
CA THR A 223 -8.12 -5.86 28.81
C THR A 223 -9.18 -4.92 28.20
N SER A 224 -9.88 -4.13 29.02
CA SER A 224 -10.92 -3.20 28.55
C SER A 224 -10.78 -1.90 29.34
N GLY A 225 -10.30 -0.86 28.67
CA GLY A 225 -10.13 0.48 29.24
C GLY A 225 -8.80 0.66 29.96
N TYR A 226 -8.57 1.86 30.48
CA TYR A 226 -7.39 2.19 31.31
C TYR A 226 -7.58 1.56 32.72
N ILE A 227 -6.48 1.30 33.40
CA ILE A 227 -6.53 0.76 34.79
C ILE A 227 -7.53 1.57 35.61
N ASN A 228 -7.50 2.91 35.54
CA ASN A 228 -8.26 3.84 36.44
C ASN A 228 -9.75 3.74 36.12
N GLN A 229 -10.07 3.20 34.94
CA GLN A 229 -11.44 2.91 34.48
C GLN A 229 -11.93 1.56 35.03
N ASN A 230 -11.07 0.75 35.67
CA ASN A 230 -11.47 -0.59 36.18
C ASN A 230 -11.48 -0.60 37.70
N LEU A 231 -10.96 0.45 38.36
CA LEU A 231 -10.90 0.49 39.85
C LEU A 231 -12.30 0.26 40.37
N GLY A 232 -12.41 -0.52 41.46
CA GLY A 232 -13.69 -0.84 42.13
C GLY A 232 -14.22 -2.25 41.84
N SER A 233 -13.62 -2.98 40.88
CA SER A 233 -13.90 -4.41 40.62
C SER A 233 -12.79 -5.26 41.23
N GLY A 234 -12.85 -5.56 42.52
CA GLY A 234 -11.83 -6.41 43.19
C GLY A 234 -10.66 -5.63 43.80
N PRO A 235 -9.79 -6.32 44.57
CA PRO A 235 -8.76 -5.63 45.34
C PRO A 235 -7.71 -5.06 44.39
N TYR A 236 -7.39 -3.77 44.57
CA TYR A 236 -6.30 -3.02 43.88
C TYR A 236 -5.27 -2.62 44.93
N ALA A 237 -4.00 -2.95 44.70
CA ALA A 237 -2.87 -2.55 45.55
C ALA A 237 -1.91 -1.66 44.75
N PHE A 238 -1.64 -1.98 43.48
CA PHE A 238 -0.61 -1.21 42.70
C PHE A 238 -0.84 -1.24 41.20
N SER A 239 -0.17 -0.34 40.53
CA SER A 239 -0.10 -0.31 39.05
C SER A 239 1.12 0.51 38.68
N VAL A 240 1.80 0.12 37.60
CA VAL A 240 2.90 0.95 37.02
C VAL A 240 2.30 1.65 35.82
N ASP A 241 2.32 2.98 35.86
CA ASP A 241 1.46 3.79 34.96
C ASP A 241 2.01 5.21 34.80
N THR A 242 1.69 5.81 33.67
CA THR A 242 1.98 7.21 33.28
C THR A 242 1.54 8.15 34.39
N SER A 243 2.41 9.11 34.71
CA SER A 243 2.14 10.24 35.61
C SER A 243 0.94 11.05 35.07
N ALA A 244 0.62 10.95 33.78
CA ALA A 244 -0.51 11.65 33.13
C ALA A 244 -1.87 11.01 33.51
N GLY A 245 -1.86 9.83 34.11
CA GLY A 245 -3.11 9.24 34.63
C GLY A 245 -3.48 9.74 36.02
N TYR A 246 -2.72 10.65 36.59
CA TYR A 246 -2.81 11.00 38.03
C TYR A 246 -4.22 11.55 38.37
N THR A 247 -4.77 12.48 37.59
CA THR A 247 -6.14 13.04 37.82
C THR A 247 -7.22 11.97 37.62
N TYR A 248 -7.07 11.06 36.63
CA TYR A 248 -8.08 9.96 36.37
C TYR A 248 -8.08 8.97 37.54
N TYR A 249 -6.91 8.56 38.04
CA TYR A 249 -6.80 7.74 39.27
C TYR A 249 -7.50 8.48 40.42
N LEU A 250 -7.23 9.79 40.57
CA LEU A 250 -7.65 10.60 41.74
C LEU A 250 -9.19 10.70 41.74
N ARG A 251 -9.78 10.87 40.56
CA ARG A 251 -11.25 10.97 40.29
C ARG A 251 -11.93 9.63 40.58
N ALA A 252 -11.26 8.50 40.28
CA ALA A 252 -11.85 7.14 40.21
C ALA A 252 -11.72 6.44 41.57
N ALA A 253 -10.59 6.60 42.25
CA ALA A 253 -10.25 5.78 43.44
C ALA A 253 -11.25 6.10 44.56
N LYS A 254 -11.83 5.06 45.14
CA LYS A 254 -12.67 5.15 46.37
C LYS A 254 -11.83 4.83 47.62
N PHE A 255 -10.53 4.64 47.43
CA PHE A 255 -9.49 4.47 48.48
C PHE A 255 -8.55 5.69 48.46
N ASP A 256 -7.71 5.82 49.50
CA ASP A 256 -6.65 6.86 49.59
C ASP A 256 -5.52 6.56 48.58
N LEU A 257 -5.40 7.37 47.53
CA LEU A 257 -4.43 7.12 46.42
C LEU A 257 -3.04 7.55 46.90
N GLY A 258 -2.05 6.69 46.67
CA GLY A 258 -0.63 7.01 46.87
C GLY A 258 0.09 6.98 45.54
N VAL A 259 1.16 7.78 45.41
CA VAL A 259 2.13 7.73 44.29
C VAL A 259 3.50 7.55 44.89
N ALA A 260 4.31 6.68 44.32
CA ALA A 260 5.68 6.40 44.81
C ALA A 260 6.60 6.26 43.60
N THR A 261 7.91 6.37 43.83
CA THR A 261 8.93 6.07 42.81
C THR A 261 8.81 4.57 42.52
N LEU A 262 9.36 4.15 41.38
CA LEU A 262 9.31 2.75 40.89
C LEU A 262 10.26 1.90 41.71
N PRO A 263 9.83 0.67 42.02
CA PRO A 263 10.76 -0.34 42.50
C PRO A 263 11.92 -0.52 41.48
N GLY A 264 13.15 -0.66 41.97
CA GLY A 264 14.36 -0.93 41.16
C GLY A 264 15.06 -2.19 41.63
N ARG A 265 16.10 -2.67 40.94
CA ARG A 265 16.92 -3.83 41.36
C ARG A 265 17.35 -3.71 42.84
N THR A 266 17.75 -2.53 43.31
CA THR A 266 18.27 -2.31 44.69
C THR A 266 17.68 -1.02 45.29
N LYS A 267 17.85 -0.83 46.60
CA LYS A 267 17.36 0.38 47.32
C LYS A 267 18.25 1.59 46.97
N GLY A 268 19.40 1.36 46.33
CA GLY A 268 20.36 2.41 45.90
C GLY A 268 19.75 3.39 44.93
N GLN A 269 18.78 2.93 44.16
CA GLN A 269 18.15 3.78 43.12
C GLN A 269 16.73 3.27 42.89
N PRO A 270 15.76 4.21 42.69
CA PRO A 270 14.45 3.87 42.12
C PRO A 270 14.65 3.28 40.71
N GLY A 271 13.84 2.29 40.33
CA GLY A 271 13.89 1.71 38.98
C GLY A 271 13.64 2.78 37.93
N TYR A 272 14.03 2.51 36.68
CA TYR A 272 13.76 3.44 35.56
C TYR A 272 12.27 3.42 35.19
N GLY A 273 11.70 4.58 34.92
CA GLY A 273 10.36 4.69 34.31
C GLY A 273 10.45 5.00 32.83
N LEU A 274 9.48 4.54 32.07
CA LEU A 274 9.31 4.91 30.64
C LEU A 274 8.78 6.35 30.54
N VAL A 275 9.43 7.15 29.71
CA VAL A 275 8.99 8.51 29.33
C VAL A 275 8.01 8.36 28.17
N ALA A 276 6.87 9.04 28.28
CA ALA A 276 5.80 9.07 27.25
C ALA A 276 5.27 10.50 27.16
N GLY A 277 4.06 10.67 26.70
CA GLY A 277 3.59 11.99 26.26
C GLY A 277 4.46 12.48 25.12
N THR A 278 4.20 13.71 24.66
CA THR A 278 4.68 14.22 23.36
C THR A 278 5.41 15.57 23.46
N ASN A 279 6.01 15.91 22.33
CA ASN A 279 6.74 17.15 21.95
C ASN A 279 5.89 17.89 20.92
N LEU A 280 5.93 19.24 20.87
CA LEU A 280 5.23 20.00 19.82
C LEU A 280 6.20 20.21 18.65
N VAL A 281 5.77 19.88 17.41
CA VAL A 281 6.62 20.09 16.19
C VAL A 281 6.05 21.27 15.40
N VAL A 282 6.87 21.93 14.59
CA VAL A 282 6.36 22.96 13.66
C VAL A 282 6.56 22.48 12.22
N PHE A 283 5.49 22.50 11.43
CA PHE A 283 5.47 22.02 10.03
C PHE A 283 6.00 23.10 9.09
N ARG A 284 6.89 22.72 8.18
CA ARG A 284 7.48 23.60 7.15
C ARG A 284 6.37 24.20 6.28
N GLN A 285 5.33 23.44 5.99
CA GLN A 285 4.24 23.87 5.07
C GLN A 285 3.54 25.11 5.65
N ALA A 286 3.66 25.36 6.95
CA ALA A 286 3.04 26.54 7.62
C ALA A 286 3.57 27.83 6.99
N SER A 287 2.77 28.89 6.91
CA SER A 287 3.21 30.24 6.48
C SER A 287 4.12 30.87 7.54
N LYS A 288 4.89 31.91 7.15
CA LYS A 288 5.78 32.73 8.01
C LYS A 288 4.98 33.26 9.20
N GLU A 289 3.81 33.82 8.92
CA GLU A 289 2.84 34.38 9.88
C GLU A 289 2.49 33.30 10.92
N GLU A 290 2.06 32.12 10.47
CA GLU A 290 1.60 31.02 11.35
C GLU A 290 2.80 30.55 12.18
N GLN A 291 3.98 30.47 11.55
CA GLN A 291 5.24 30.03 12.22
C GLN A 291 5.62 31.02 13.33
N ALA A 292 5.28 32.31 13.19
CA ALA A 292 5.53 33.36 14.20
C ALA A 292 4.60 33.16 15.41
N VAL A 293 3.36 32.76 15.17
CA VAL A 293 2.40 32.45 16.25
C VAL A 293 2.98 31.25 17.00
N ALA A 294 3.45 30.25 16.23
CA ALA A 294 4.07 29.00 16.72
C ALA A 294 5.22 29.33 17.67
N LYS A 295 6.20 30.11 17.20
CA LYS A 295 7.35 30.57 18.02
C LYS A 295 6.79 31.20 19.31
N ASP A 296 5.86 32.15 19.21
CA ASP A 296 5.33 32.90 20.38
C ASP A 296 4.65 31.92 21.33
N PHE A 297 3.92 30.95 20.80
CA PHE A 297 3.17 29.93 21.56
C PHE A 297 4.15 28.96 22.24
N LEU A 298 5.28 28.65 21.59
CA LEU A 298 6.24 27.66 22.14
C LEU A 298 7.03 28.35 23.27
N GLU A 299 7.31 29.65 23.18
CA GLU A 299 7.91 30.41 24.30
C GLU A 299 6.92 30.53 25.46
N PHE A 300 5.61 30.75 25.21
CA PHE A 300 4.58 30.80 26.28
C PHE A 300 4.50 29.46 27.01
N VAL A 301 4.45 28.39 26.24
CA VAL A 301 4.37 26.99 26.75
C VAL A 301 5.59 26.63 27.64
N LEU A 302 6.74 27.22 27.32
CA LEU A 302 8.03 26.95 27.98
C LEU A 302 8.21 27.93 29.14
N SER A 303 7.33 28.92 29.26
CA SER A 303 7.35 29.95 30.34
C SER A 303 7.06 29.24 31.67
N PRO A 304 7.76 29.57 32.75
CA PRO A 304 7.62 28.85 34.01
C PRO A 304 6.18 28.68 34.51
N ARG A 305 5.35 29.71 34.31
CA ARG A 305 3.94 29.74 34.77
C ARG A 305 3.10 28.75 33.94
N ALA A 306 3.14 28.77 32.61
CA ALA A 306 2.43 27.79 31.77
C ALA A 306 2.84 26.37 32.23
N GLN A 307 4.16 26.12 32.37
CA GLN A 307 4.68 24.78 32.76
C GLN A 307 4.20 24.42 34.17
N ALA A 308 4.24 25.34 35.12
CA ALA A 308 3.80 25.04 36.50
C ALA A 308 2.30 24.62 36.48
N VAL A 309 1.43 25.43 35.87
CA VAL A 309 -0.06 25.23 35.81
C VAL A 309 -0.36 23.94 35.04
N PHE A 310 0.24 23.78 33.84
CA PHE A 310 0.09 22.58 32.99
C PHE A 310 0.39 21.32 33.80
N ALA A 311 1.53 21.28 34.50
CA ALA A 311 2.07 20.07 35.18
C ALA A 311 1.30 19.76 36.48
N THR A 312 0.90 20.79 37.24
CA THR A 312 0.10 20.64 38.48
C THR A 312 -1.38 20.28 38.15
N ALA A 313 -1.91 20.70 36.99
CA ALA A 313 -3.31 20.41 36.58
C ALA A 313 -3.38 18.97 36.08
N THR A 314 -2.25 18.34 35.74
CA THR A 314 -2.20 17.06 34.96
C THR A 314 -1.39 15.93 35.61
N GLY A 315 -0.25 16.19 36.24
CA GLY A 315 0.70 15.17 36.69
C GLY A 315 1.75 14.86 35.62
N TYR A 316 1.73 15.57 34.48
CA TYR A 316 2.87 15.60 33.53
C TYR A 316 4.07 16.25 34.24
N VAL A 317 5.28 15.95 33.76
CA VAL A 317 6.57 16.41 34.34
C VAL A 317 6.94 17.77 33.74
N PRO A 318 7.17 18.80 34.55
CA PRO A 318 7.64 20.09 34.03
C PRO A 318 8.92 19.92 33.21
N VAL A 319 9.04 20.56 32.06
CA VAL A 319 10.17 20.26 31.14
C VAL A 319 11.33 21.22 31.41
N THR A 320 11.17 22.23 32.27
CA THR A 320 12.16 23.31 32.48
C THR A 320 12.55 23.37 33.96
N GLU A 321 13.79 23.77 34.24
CA GLU A 321 14.29 24.09 35.61
C GLU A 321 13.44 25.24 36.20
N GLY A 322 13.10 26.24 35.38
CA GLY A 322 12.34 27.45 35.73
C GLY A 322 10.92 27.17 36.24
N ALA A 323 10.29 26.08 35.77
CA ALA A 323 8.97 25.67 36.26
C ALA A 323 9.06 25.38 37.77
N LEU A 324 10.13 24.73 38.23
CA LEU A 324 10.27 24.37 39.66
C LEU A 324 10.54 25.60 40.54
N LYS A 325 10.98 26.71 39.97
CA LYS A 325 11.19 27.95 40.80
C LYS A 325 9.94 28.83 40.75
N ASP A 326 8.89 28.40 40.03
CA ASP A 326 7.61 29.15 39.93
C ASP A 326 6.79 28.93 41.21
N PRO A 327 6.29 30.02 41.85
CA PRO A 327 5.43 29.95 43.03
C PRO A 327 4.15 29.11 42.93
N VAL A 328 3.55 29.05 41.77
CA VAL A 328 2.32 28.25 41.58
C VAL A 328 2.72 26.78 41.70
N TYR A 329 3.83 26.40 41.05
CA TYR A 329 4.37 25.03 41.19
C TYR A 329 4.60 24.78 42.67
N GLN A 330 5.48 25.58 43.26
CA GLN A 330 5.93 25.47 44.68
C GLN A 330 4.72 25.37 45.63
N ALA A 331 3.61 26.06 45.35
CA ALA A 331 2.42 26.12 46.24
C ALA A 331 1.70 24.77 46.18
N TYR A 332 1.56 24.20 44.98
CA TYR A 332 0.93 22.88 44.74
C TYR A 332 1.80 21.81 45.38
N ALA A 333 3.12 21.87 45.17
CA ALA A 333 4.09 20.89 45.71
C ALA A 333 4.03 20.91 47.26
N ALA A 334 3.79 22.07 47.88
CA ALA A 334 3.84 22.16 49.35
C ALA A 334 2.61 21.49 49.96
N GLU A 335 1.49 21.45 49.22
CA GLU A 335 0.23 20.87 49.77
CA GLU A 335 0.20 20.88 49.72
C GLU A 335 0.03 19.44 49.23
N ASN A 336 0.90 19.00 48.30
CA ASN A 336 0.78 17.71 47.59
C ASN A 336 2.17 17.15 47.31
N PRO A 337 2.65 16.15 48.10
CA PRO A 337 3.96 15.53 47.86
C PRO A 337 4.03 14.72 46.56
N ASP A 338 2.89 14.36 45.96
CA ASP A 338 2.90 13.47 44.77
C ASP A 338 3.62 14.16 43.61
N TYR A 339 3.67 15.51 43.62
CA TYR A 339 4.30 16.28 42.51
C TYR A 339 5.80 16.15 42.53
N ALA A 340 6.38 16.22 43.73
CA ALA A 340 7.84 16.09 43.97
C ALA A 340 8.21 14.64 43.67
N THR A 341 7.33 13.69 43.98
CA THR A 341 7.51 12.25 43.69
C THR A 341 7.55 12.06 42.18
N ILE A 342 6.61 12.61 41.41
CA ILE A 342 6.69 12.52 39.93
C ILE A 342 8.00 13.15 39.44
N VAL A 343 8.38 14.35 39.88
CA VAL A 343 9.68 15.03 39.48
C VAL A 343 10.86 14.12 39.87
N ARG A 344 10.87 13.62 41.10
CA ARG A 344 11.94 12.71 41.55
C ARG A 344 12.02 11.52 40.60
N GLN A 345 10.89 10.86 40.29
CA GLN A 345 10.88 9.75 39.32
C GLN A 345 11.39 10.19 37.94
N SER A 346 11.12 11.42 37.47
CA SER A 346 11.59 11.93 36.14
C SER A 346 13.12 11.89 36.03
N ARG A 347 13.88 11.77 37.12
CA ARG A 347 15.36 11.69 37.00
C ARG A 347 15.82 10.30 36.55
N TYR A 348 15.01 9.24 36.72
CA TYR A 348 15.43 7.83 36.42
C TYR A 348 14.48 7.35 35.33
N ALA A 349 14.73 7.86 34.12
CA ALA A 349 13.84 7.85 32.94
C ALA A 349 14.53 7.12 31.79
N LYS A 350 13.83 6.24 31.10
CA LYS A 350 14.31 5.56 29.88
C LYS A 350 13.30 5.79 28.75
N PHE A 351 13.80 5.76 27.52
CA PHE A 351 13.02 6.00 26.28
C PHE A 351 12.97 4.72 25.44
N GLU A 352 11.88 4.56 24.72
CA GLU A 352 11.81 3.55 23.64
C GLU A 352 12.68 4.02 22.47
N PRO A 353 13.04 3.12 21.54
CA PRO A 353 13.75 3.52 20.32
C PRO A 353 12.99 4.62 19.56
N ALA A 354 13.69 5.49 18.84
CA ALA A 354 13.14 6.59 18.01
C ALA A 354 13.22 6.22 16.53
N LEU A 355 13.01 4.96 16.19
CA LEU A 355 12.97 4.49 14.78
C LEU A 355 11.63 4.90 14.16
N ALA A 356 11.58 5.28 12.88
CA ALA A 356 10.35 5.66 12.16
C ALA A 356 9.25 4.59 12.34
N GLU A 357 9.62 3.31 12.33
CA GLU A 357 8.69 2.15 12.39
C GLU A 357 8.25 1.87 13.83
N TRP A 358 8.74 2.58 14.85
CA TRP A 358 8.50 2.15 16.25
C TRP A 358 7.01 2.21 16.62
N GLU A 359 6.27 3.26 16.27
CA GLU A 359 4.81 3.28 16.57
C GLU A 359 4.18 1.94 16.15
N GLN A 360 4.30 1.59 14.87
CA GLN A 360 3.81 0.31 14.35
C GLN A 360 4.32 -0.89 15.17
N ILE A 361 5.62 -0.96 15.43
CA ILE A 361 6.23 -2.15 16.13
C ILE A 361 5.65 -2.29 17.55
N ARG A 362 5.45 -1.19 18.28
CA ARG A 362 5.13 -1.28 19.74
C ARG A 362 3.69 -1.79 19.89
N PHE A 363 2.83 -1.53 18.89
CA PHE A 363 1.38 -1.80 18.98
C PHE A 363 1.01 -3.10 18.26
N ASP A 364 1.27 -3.19 16.95
CA ASP A 364 0.86 -4.33 16.08
C ASP A 364 1.79 -5.55 16.25
N ILE A 365 3.06 -5.41 16.66
CA ILE A 365 4.04 -6.52 16.75
C ILE A 365 4.46 -6.83 18.21
N LEU A 366 5.12 -5.91 18.93
CA LEU A 366 5.56 -6.16 20.33
C LEU A 366 4.33 -6.32 21.25
N GLY A 367 3.40 -5.33 21.23
CA GLY A 367 2.11 -5.31 21.95
C GLY A 367 1.34 -6.62 21.80
N GLN A 368 1.21 -7.11 20.57
CA GLN A 368 0.52 -8.38 20.19
C GLN A 368 1.26 -9.60 20.75
N ALA A 369 2.59 -9.64 20.64
CA ALA A 369 3.39 -10.70 21.26
C ALA A 369 3.09 -10.74 22.77
N ILE A 370 3.05 -9.57 23.43
CA ILE A 370 2.78 -9.53 24.89
C ILE A 370 1.36 -10.07 25.16
N LYS A 371 0.37 -9.71 24.33
CA LYS A 371 -1.05 -10.14 24.51
C LYS A 371 -1.18 -11.64 24.29
N GLU A 372 -0.55 -12.18 23.26
CA GLU A 372 -0.44 -13.64 23.03
C GLU A 372 0.00 -14.28 24.35
N ALA A 373 1.07 -13.76 24.97
CA ALA A 373 1.76 -14.43 26.09
C ALA A 373 0.86 -14.43 27.30
N ILE A 374 0.22 -13.28 27.53
CA ILE A 374 -0.48 -12.92 28.80
C ILE A 374 -1.89 -13.53 28.75
N LEU A 375 -2.61 -13.25 27.68
CA LEU A 375 -4.05 -13.58 27.50
C LEU A 375 -4.26 -14.97 26.84
N ASN A 376 -3.35 -15.45 25.97
CA ASN A 376 -3.50 -16.74 25.21
C ASN A 376 -2.45 -17.78 25.62
N LYS A 377 -1.60 -17.45 26.61
CA LYS A 377 -0.64 -18.35 27.31
C LYS A 377 0.42 -18.91 26.34
N ALA A 378 0.67 -18.19 25.25
CA ALA A 378 1.83 -18.38 24.34
C ALA A 378 3.11 -18.33 25.18
N ASP A 379 4.04 -19.24 24.88
CA ASP A 379 5.42 -19.23 25.41
C ASP A 379 6.04 -17.87 25.13
N PRO A 380 6.53 -17.17 26.18
CA PRO A 380 7.16 -15.85 26.03
C PRO A 380 8.24 -15.79 24.94
N LYS A 381 9.18 -16.73 25.02
CA LYS A 381 10.27 -16.83 24.03
C LYS A 381 9.70 -16.93 22.61
N ALA A 382 8.75 -17.82 22.34
CA ALA A 382 8.20 -18.05 20.97
C ALA A 382 7.34 -16.87 20.52
N ALA A 383 6.62 -16.25 21.44
CA ALA A 383 5.84 -15.03 21.16
C ALA A 383 6.81 -13.95 20.66
N LEU A 384 7.87 -13.69 21.43
CA LEU A 384 8.82 -12.57 21.15
C LEU A 384 9.69 -12.87 19.93
N ASP A 385 10.04 -14.16 19.74
CA ASP A 385 10.78 -14.69 18.57
C ASP A 385 9.96 -14.44 17.30
N ARG A 386 8.63 -14.53 17.36
CA ARG A 386 7.77 -14.17 16.21
C ARG A 386 7.95 -12.67 15.95
N ALA A 387 7.80 -11.87 17.02
CA ALA A 387 7.90 -10.39 17.03
C ALA A 387 9.20 -10.02 16.36
N GLN A 388 10.30 -10.68 16.76
CA GLN A 388 11.67 -10.34 16.30
C GLN A 388 11.72 -10.42 14.76
N LYS A 389 11.07 -11.45 14.23
CA LYS A 389 10.98 -11.85 12.82
C LYS A 389 10.12 -10.85 12.05
N LEU A 390 8.97 -10.44 12.60
CA LEU A 390 8.06 -9.45 11.94
C LEU A 390 8.78 -8.10 11.92
N ALA A 391 9.30 -7.66 13.06
CA ALA A 391 10.11 -6.43 13.19
C ALA A 391 11.15 -6.38 12.06
N GLU A 392 12.01 -7.40 11.97
CA GLU A 392 13.04 -7.59 10.89
C GLU A 392 12.39 -7.49 9.49
N ASP A 393 11.26 -8.17 9.23
CA ASP A 393 10.55 -8.09 7.93
C ASP A 393 10.09 -6.65 7.68
N LEU A 394 9.49 -5.99 8.66
CA LEU A 394 9.02 -4.59 8.51
C LEU A 394 10.20 -3.69 8.15
N LEU A 395 11.35 -3.84 8.83
CA LEU A 395 12.52 -2.96 8.65
C LEU A 395 13.11 -3.20 7.25
N SER A 396 13.54 -4.43 6.92
CA SER A 396 14.03 -4.82 5.56
C SER A 396 13.25 -4.10 4.46
N SER A 397 11.91 -4.14 4.53
CA SER A 397 10.93 -3.44 3.65
C SER A 397 11.39 -2.00 3.37
N LYS B 3 11.47 -32.46 -29.92
CA LYS B 3 10.30 -31.57 -29.68
C LYS B 3 10.57 -30.71 -28.44
N PRO B 4 10.41 -29.36 -28.52
CA PRO B 4 10.88 -28.43 -27.50
C PRO B 4 10.32 -28.60 -26.08
N GLU B 5 9.07 -29.06 -25.92
CA GLU B 5 8.48 -29.31 -24.58
C GLU B 5 9.09 -30.59 -23.98
N ASP B 6 9.74 -31.44 -24.77
CA ASP B 6 10.38 -32.69 -24.29
C ASP B 6 11.78 -32.35 -23.75
N VAL B 7 12.56 -31.63 -24.53
CA VAL B 7 13.83 -30.97 -24.09
C VAL B 7 13.60 -30.31 -22.73
N ILE B 8 12.53 -29.54 -22.60
CA ILE B 8 12.17 -28.79 -21.36
C ILE B 8 11.93 -29.78 -20.22
N LYS B 9 11.18 -30.86 -20.47
CA LYS B 9 10.80 -31.88 -19.44
C LYS B 9 12.11 -32.51 -18.89
N GLU B 10 13.04 -32.86 -19.80
CA GLU B 10 14.40 -33.35 -19.48
C GLU B 10 15.18 -32.28 -18.71
N GLN B 11 15.25 -31.06 -19.26
CA GLN B 11 16.01 -29.94 -18.64
C GLN B 11 15.62 -29.80 -17.16
N CYS B 12 14.33 -29.87 -16.84
CA CYS B 12 13.79 -29.53 -15.49
C CYS B 12 14.03 -30.69 -14.51
N ALA B 13 13.94 -31.93 -14.98
CA ALA B 13 14.13 -33.14 -14.16
C ALA B 13 15.57 -33.18 -13.60
N ARG B 14 16.53 -32.57 -14.31
CA ARG B 14 17.99 -32.57 -13.98
C ARG B 14 18.37 -31.29 -13.20
N ALA B 15 17.36 -30.58 -12.66
CA ALA B 15 17.45 -29.21 -12.10
C ALA B 15 17.11 -29.20 -10.61
N LYS B 16 17.78 -28.33 -9.83
CA LYS B 16 17.52 -28.17 -8.37
C LYS B 16 16.32 -27.24 -8.14
N VAL B 17 16.08 -26.27 -9.04
CA VAL B 17 14.99 -25.26 -8.88
C VAL B 17 14.29 -25.01 -10.22
N VAL B 18 12.96 -25.11 -10.18
CA VAL B 18 12.07 -25.05 -11.37
C VAL B 18 11.00 -24.00 -11.11
N ALA B 19 10.95 -23.01 -11.98
CA ALA B 19 9.93 -21.95 -11.93
C ALA B 19 8.87 -22.23 -13.03
N GLU B 20 7.65 -22.54 -12.62
CA GLU B 20 6.54 -22.81 -13.57
C GLU B 20 6.04 -21.49 -14.16
N LEU B 21 5.78 -21.46 -15.46
CA LEU B 21 5.20 -20.30 -16.22
C LEU B 21 3.90 -20.77 -16.85
N TRP B 22 2.75 -20.39 -16.30
CA TRP B 22 1.43 -20.80 -16.86
C TRP B 22 1.12 -19.86 -18.03
N HIS B 23 0.66 -20.40 -19.16
CA HIS B 23 0.45 -19.60 -20.39
C HIS B 23 -0.80 -20.04 -21.11
N GLY B 24 -1.22 -19.26 -22.10
CA GLY B 24 -2.48 -19.44 -22.86
C GLY B 24 -2.23 -19.61 -24.35
N PHE B 25 -1.01 -20.01 -24.74
CA PHE B 25 -0.63 -20.40 -26.12
C PHE B 25 -1.08 -21.85 -26.32
N THR B 26 -2.08 -22.06 -27.18
CA THR B 26 -2.69 -23.39 -27.49
C THR B 26 -1.75 -24.20 -28.39
N GLY B 27 -1.10 -23.54 -29.36
CA GLY B 27 -0.15 -24.16 -30.30
C GLY B 27 0.43 -23.12 -31.24
N GLY B 28 0.56 -23.47 -32.53
CA GLY B 28 1.15 -22.62 -33.58
C GLY B 28 2.49 -22.02 -33.16
N ALA B 29 2.95 -20.98 -33.89
CA ALA B 29 4.27 -20.31 -33.73
C ALA B 29 4.39 -19.66 -32.36
N PRO B 30 3.34 -18.95 -31.84
CA PRO B 30 3.33 -18.48 -30.46
C PRO B 30 3.76 -19.50 -29.42
N LYS B 31 3.20 -20.71 -29.42
CA LYS B 31 3.61 -21.78 -28.47
C LYS B 31 5.09 -22.12 -28.69
N ALA B 32 5.52 -22.20 -29.95
CA ALA B 32 6.83 -22.78 -30.33
C ALA B 32 7.93 -21.77 -29.98
N ALA B 33 7.69 -20.47 -30.19
CA ALA B 33 8.66 -19.37 -29.97
C ALA B 33 8.85 -19.13 -28.46
N LEU B 34 7.79 -19.26 -27.64
CA LEU B 34 7.91 -19.27 -26.15
C LEU B 34 8.73 -20.48 -25.67
N GLU B 35 8.50 -21.66 -26.24
CA GLU B 35 9.19 -22.89 -25.82
C GLU B 35 10.66 -22.78 -26.18
N ASN B 36 10.96 -22.39 -27.42
CA ASN B 36 12.35 -22.18 -27.93
C ASN B 36 13.12 -21.17 -27.05
N LEU B 37 12.49 -20.05 -26.76
CA LEU B 37 13.01 -19.03 -25.82
C LEU B 37 13.47 -19.71 -24.52
N VAL B 38 12.57 -20.46 -23.90
CA VAL B 38 12.77 -21.20 -22.62
C VAL B 38 13.90 -22.22 -22.74
N VAL B 39 13.94 -22.98 -23.84
CA VAL B 39 15.04 -23.98 -24.11
C VAL B 39 16.39 -23.23 -24.03
N GLU B 40 16.55 -22.18 -24.83
CA GLU B 40 17.78 -21.34 -24.86
C GLU B 40 18.12 -20.91 -23.41
N PHE B 41 17.16 -20.33 -22.67
CA PHE B 41 17.36 -19.82 -21.28
C PHE B 41 17.87 -20.96 -20.36
N ASN B 42 17.16 -22.09 -20.35
CA ASN B 42 17.47 -23.25 -19.47
C ASN B 42 18.89 -23.79 -19.75
N LYS B 43 19.39 -23.66 -20.99
CA LYS B 43 20.73 -24.15 -21.42
C LYS B 43 21.84 -23.36 -20.67
N ALA B 44 21.67 -22.06 -20.50
CA ALA B 44 22.69 -21.20 -19.90
C ALA B 44 22.65 -21.31 -18.37
N GLN B 45 21.71 -22.09 -17.81
CA GLN B 45 21.58 -22.29 -16.35
C GLN B 45 22.43 -23.48 -15.92
N GLN B 46 22.65 -23.62 -14.61
CA GLN B 46 23.12 -24.89 -13.99
C GLN B 46 22.13 -25.27 -12.89
N GLY B 47 21.17 -26.12 -13.25
CA GLY B 47 20.20 -26.73 -12.31
C GLY B 47 19.15 -25.73 -11.89
N ARG B 48 19.00 -24.67 -12.68
CA ARG B 48 17.90 -23.66 -12.65
C ARG B 48 17.06 -23.86 -13.91
N CYS B 49 15.75 -23.54 -13.92
CA CYS B 49 14.91 -23.68 -15.13
C CYS B 49 13.53 -23.03 -15.02
N VAL B 50 12.95 -22.69 -16.17
CA VAL B 50 11.48 -22.45 -16.33
C VAL B 50 10.86 -23.67 -17.02
N ARG B 51 9.72 -24.13 -16.52
CA ARG B 51 8.80 -25.13 -17.15
C ARG B 51 7.53 -24.41 -17.60
N PRO B 52 7.36 -24.16 -18.92
CA PRO B 52 6.12 -23.61 -19.48
C PRO B 52 5.03 -24.66 -19.31
N VAL B 53 3.92 -24.29 -18.69
CA VAL B 53 2.74 -25.17 -18.48
C VAL B 53 1.60 -24.50 -19.24
N PRO B 54 1.15 -25.08 -20.36
CA PRO B 54 0.00 -24.58 -21.07
C PRO B 54 -1.29 -24.84 -20.27
N GLN B 55 -2.29 -24.00 -20.41
CA GLN B 55 -3.52 -24.03 -19.57
C GLN B 55 -4.78 -23.89 -20.44
N GLY B 56 -4.61 -23.91 -21.77
CA GLY B 56 -5.68 -23.66 -22.75
C GLY B 56 -5.51 -22.27 -23.33
N GLY B 57 -6.63 -21.58 -23.59
CA GLY B 57 -6.60 -20.17 -24.05
C GLY B 57 -6.45 -19.25 -22.85
N TYR B 58 -6.52 -17.94 -23.10
CA TYR B 58 -6.25 -16.90 -22.08
C TYR B 58 -7.29 -16.95 -20.96
N ARG B 59 -8.54 -17.30 -21.31
CA ARG B 59 -9.66 -17.31 -20.33
C ARG B 59 -9.52 -18.57 -19.48
N ASP B 60 -9.05 -19.67 -20.04
CA ASP B 60 -8.75 -20.92 -19.30
C ASP B 60 -7.64 -20.63 -18.28
N LEU B 61 -6.60 -19.93 -18.69
CA LEU B 61 -5.47 -19.45 -17.83
C LEU B 61 -6.03 -18.69 -16.60
N SER B 62 -6.80 -17.62 -16.78
CA SER B 62 -7.23 -16.76 -15.65
C SER B 62 -8.08 -17.59 -14.68
N THR B 63 -8.98 -18.44 -15.20
CA THR B 63 -9.84 -19.41 -14.46
C THR B 63 -8.99 -20.40 -13.66
N LYS B 64 -7.92 -20.95 -14.25
CA LYS B 64 -7.03 -21.95 -13.58
C LYS B 64 -6.14 -21.26 -12.53
N ILE B 65 -5.79 -19.99 -12.75
CA ILE B 65 -5.08 -19.12 -11.75
C ILE B 65 -6.04 -18.79 -10.60
N LYS B 66 -7.28 -18.37 -10.89
CA LYS B 66 -8.36 -18.22 -9.89
C LYS B 66 -8.39 -19.46 -8.98
N ALA B 67 -8.43 -20.65 -9.57
CA ALA B 67 -8.55 -21.94 -8.84
C ALA B 67 -7.22 -22.20 -8.11
N ALA B 68 -6.09 -21.96 -8.77
CA ALA B 68 -4.74 -21.99 -8.14
C ALA B 68 -4.77 -21.25 -6.78
N PHE B 69 -5.48 -20.11 -6.69
CA PHE B 69 -5.64 -19.29 -5.45
C PHE B 69 -6.49 -20.02 -4.38
N ALA B 70 -7.64 -20.58 -4.77
CA ALA B 70 -8.53 -21.36 -3.87
C ALA B 70 -7.78 -22.60 -3.34
N ALA B 71 -6.88 -23.19 -4.14
CA ALA B 71 -6.19 -24.47 -3.86
C ALA B 71 -4.92 -24.27 -3.02
N GLY B 72 -4.34 -23.06 -3.02
CA GLY B 72 -3.24 -22.63 -2.12
C GLY B 72 -1.84 -22.76 -2.72
N LYS B 73 -1.72 -22.81 -4.06
CA LYS B 73 -0.46 -23.11 -4.79
C LYS B 73 -0.53 -22.54 -6.20
N VAL B 74 0.30 -21.53 -6.46
CA VAL B 74 0.34 -20.79 -7.76
C VAL B 74 1.68 -21.08 -8.39
N PRO B 75 1.85 -20.83 -9.71
CA PRO B 75 3.14 -20.97 -10.35
C PRO B 75 4.08 -19.81 -9.94
N THR B 76 5.33 -19.80 -10.41
CA THR B 76 6.23 -18.64 -10.27
C THR B 76 5.65 -17.48 -11.10
N MET B 77 5.34 -17.74 -12.36
CA MET B 77 5.01 -16.71 -13.36
C MET B 77 3.73 -17.11 -14.08
N ALA B 78 3.06 -16.16 -14.72
CA ALA B 78 1.94 -16.39 -15.65
C ALA B 78 1.83 -15.24 -16.64
N GLN B 79 1.13 -15.49 -17.75
CA GLN B 79 0.60 -14.45 -18.65
C GLN B 79 -0.64 -13.84 -17.99
N ALA B 80 -0.83 -12.54 -18.15
CA ALA B 80 -1.95 -11.75 -17.58
C ALA B 80 -2.19 -10.54 -18.44
N PHE B 81 -3.46 -10.24 -18.73
CA PHE B 81 -3.90 -8.94 -19.26
C PHE B 81 -3.85 -7.96 -18.10
N GLU B 82 -3.74 -6.68 -18.44
CA GLU B 82 -3.74 -5.56 -17.47
C GLU B 82 -4.86 -5.79 -16.46
N ASN B 83 -6.03 -6.23 -16.91
CA ASN B 83 -7.25 -6.35 -16.06
C ASN B 83 -7.14 -7.57 -15.13
N ASN B 84 -6.56 -8.69 -15.60
CA ASN B 84 -6.27 -9.87 -14.74
C ASN B 84 -5.28 -9.41 -13.63
N ILE B 85 -4.29 -8.59 -13.99
CA ILE B 85 -3.33 -7.99 -13.02
C ILE B 85 -4.10 -7.19 -11.95
N ALA B 86 -5.03 -6.35 -12.34
CA ALA B 86 -5.90 -5.64 -11.37
C ALA B 86 -6.51 -6.67 -10.42
N LEU B 87 -7.09 -7.76 -10.95
CA LEU B 87 -7.78 -8.80 -10.14
C LEU B 87 -6.79 -9.37 -9.11
N TYR B 88 -5.60 -9.77 -9.55
CA TYR B 88 -4.62 -10.49 -8.71
C TYR B 88 -4.07 -9.51 -7.65
N LEU B 89 -4.04 -8.21 -7.95
CA LEU B 89 -3.57 -7.17 -6.99
C LEU B 89 -4.56 -7.05 -5.82
N GLU B 90 -5.85 -7.30 -6.05
CA GLU B 90 -6.89 -7.22 -5.00
C GLU B 90 -6.62 -8.28 -3.93
N ALA B 91 -6.10 -9.45 -4.32
CA ALA B 91 -5.73 -10.54 -3.39
C ALA B 91 -4.25 -10.44 -3.00
N LYS B 92 -3.54 -9.38 -3.42
CA LYS B 92 -2.13 -9.02 -3.05
C LYS B 92 -1.13 -10.05 -3.58
N ALA B 93 -1.45 -10.78 -4.63
CA ALA B 93 -0.71 -12.00 -5.05
C ALA B 93 0.60 -11.68 -5.76
N LEU B 94 0.85 -10.44 -6.25
CA LEU B 94 1.92 -10.18 -7.27
C LEU B 94 3.11 -9.40 -6.66
N LEU B 95 4.33 -9.76 -7.06
CA LEU B 95 5.58 -9.01 -6.76
C LEU B 95 5.73 -7.82 -7.71
N PRO B 96 6.00 -6.60 -7.19
CA PRO B 96 6.51 -5.51 -8.03
C PRO B 96 7.80 -5.96 -8.75
N ILE B 97 7.85 -5.73 -10.06
CA ILE B 97 8.88 -6.29 -10.97
C ILE B 97 10.26 -5.71 -10.62
N GLU B 98 10.33 -4.41 -10.28
CA GLU B 98 11.61 -3.68 -10.07
C GLU B 98 12.20 -4.07 -8.71
N SER B 99 11.39 -4.38 -7.68
CA SER B 99 11.89 -4.95 -6.40
C SER B 99 12.67 -6.26 -6.64
N LEU B 100 12.29 -7.07 -7.63
CA LEU B 100 13.11 -8.20 -8.14
C LEU B 100 14.41 -7.70 -8.78
N GLY B 101 14.48 -6.47 -9.25
CA GLY B 101 15.69 -5.89 -9.87
C GLY B 101 15.78 -6.14 -11.37
N VAL B 102 14.67 -6.39 -12.07
CA VAL B 102 14.63 -6.35 -13.57
C VAL B 102 14.69 -4.88 -14.02
N LYS B 103 15.71 -4.51 -14.79
CA LYS B 103 15.82 -3.18 -15.43
C LYS B 103 14.74 -3.10 -16.51
N LEU B 104 13.89 -2.08 -16.45
CA LEU B 104 12.75 -1.86 -17.36
C LEU B 104 13.01 -0.65 -18.28
N GLN B 105 14.14 0.03 -18.16
CA GLN B 105 14.51 1.13 -19.09
C GLN B 105 14.66 0.53 -20.48
N GLY B 106 14.18 1.25 -21.51
CA GLY B 106 14.10 0.78 -22.91
C GLY B 106 12.74 0.16 -23.24
N VAL B 107 11.97 -0.29 -22.25
CA VAL B 107 10.62 -0.89 -22.48
C VAL B 107 9.68 0.21 -23.00
N ASN B 108 8.99 -0.03 -24.11
CA ASN B 108 7.90 0.83 -24.65
C ASN B 108 7.05 1.35 -23.46
N LEU B 109 6.83 2.68 -23.40
CA LEU B 109 6.18 3.39 -22.26
C LEU B 109 4.66 3.18 -22.31
N THR B 110 4.10 3.11 -23.52
CA THR B 110 2.77 2.53 -23.83
C THR B 110 2.59 1.23 -23.03
N PHE B 111 3.45 0.22 -23.23
CA PHE B 111 3.37 -1.10 -22.58
C PHE B 111 3.62 -0.97 -21.07
N LEU B 112 4.62 -0.20 -20.69
CA LEU B 112 5.00 -0.01 -19.27
C LEU B 112 3.88 0.71 -18.49
N ASN B 113 3.25 1.75 -19.05
CA ASN B 113 2.12 2.48 -18.40
C ASN B 113 0.96 1.50 -18.14
N ALA B 114 0.71 0.55 -19.05
CA ALA B 114 -0.44 -0.39 -18.95
C ALA B 114 -0.25 -1.36 -17.77
N VAL B 115 1.00 -1.61 -17.33
CA VAL B 115 1.34 -2.63 -16.29
C VAL B 115 1.66 -1.92 -14.96
N ARG B 116 1.40 -0.64 -14.87
CA ARG B 116 1.77 0.21 -13.72
C ARG B 116 0.52 0.56 -12.94
N PHE B 117 0.39 0.09 -11.71
CA PHE B 117 -0.78 0.35 -10.81
C PHE B 117 -0.28 0.98 -9.52
N GLY B 118 -0.90 2.10 -9.14
CA GLY B 118 -0.43 3.01 -8.07
C GLY B 118 1.01 3.39 -8.25
N GLY B 119 1.40 3.82 -9.45
CA GLY B 119 2.79 4.17 -9.82
C GLY B 119 3.75 2.99 -9.80
N VAL B 120 3.27 1.76 -9.58
CA VAL B 120 4.13 0.54 -9.36
C VAL B 120 3.89 -0.47 -10.49
N VAL B 121 4.97 -0.86 -11.19
CA VAL B 121 4.95 -1.87 -12.27
C VAL B 121 4.82 -3.25 -11.63
N TYR B 122 3.81 -4.04 -12.03
CA TYR B 122 3.53 -5.42 -11.56
C TYR B 122 3.57 -6.46 -12.70
N GLY B 123 3.99 -6.02 -13.88
CA GLY B 123 4.14 -6.90 -15.05
C GLY B 123 5.29 -6.44 -15.95
N VAL B 124 5.85 -7.43 -16.65
CA VAL B 124 6.82 -7.31 -17.76
C VAL B 124 6.09 -7.57 -19.07
N PRO B 125 5.93 -6.58 -19.99
CA PRO B 125 5.34 -6.86 -21.29
C PRO B 125 6.12 -7.97 -22.00
N PHE B 126 5.44 -9.06 -22.40
CA PHE B 126 6.08 -10.21 -23.09
C PHE B 126 5.62 -10.24 -24.57
N ASN B 127 4.36 -10.64 -24.78
CA ASN B 127 3.76 -10.90 -26.13
C ASN B 127 2.67 -9.86 -26.32
N LYS B 128 3.03 -8.74 -26.93
CA LYS B 128 2.11 -7.59 -27.05
C LYS B 128 1.80 -7.47 -28.52
N SER B 129 0.51 -7.53 -28.84
CA SER B 129 -0.05 -7.51 -30.20
C SER B 129 -0.76 -6.18 -30.43
N ILE B 130 -0.85 -5.82 -31.71
CA ILE B 130 -1.68 -4.68 -32.18
C ILE B 130 -2.54 -5.18 -33.33
N GLN B 131 -3.79 -4.71 -33.42
CA GLN B 131 -4.70 -4.96 -34.56
C GLN B 131 -4.05 -4.39 -35.84
N VAL B 132 -3.99 -5.17 -36.93
CA VAL B 132 -3.64 -4.62 -38.28
C VAL B 132 -4.79 -4.85 -39.26
N LEU B 133 -4.72 -4.24 -40.45
CA LEU B 133 -5.53 -4.61 -41.63
C LEU B 133 -4.83 -5.74 -42.41
N TYR B 134 -5.33 -6.97 -42.26
CA TYR B 134 -4.93 -8.12 -43.12
C TYR B 134 -5.72 -7.94 -44.39
N TYR B 135 -5.14 -8.26 -45.54
CA TYR B 135 -5.88 -8.08 -46.81
C TYR B 135 -5.40 -9.06 -47.88
N ASN B 136 -6.23 -9.17 -48.91
CA ASN B 136 -6.02 -10.05 -50.07
C ASN B 136 -5.43 -9.19 -51.18
N LYS B 137 -4.12 -9.29 -51.40
CA LYS B 137 -3.40 -8.45 -52.38
C LYS B 137 -3.94 -8.77 -53.77
N ASP B 138 -4.06 -10.04 -54.09
CA ASP B 138 -4.57 -10.57 -55.38
C ASP B 138 -5.97 -9.96 -55.62
N LEU B 139 -6.85 -10.03 -54.64
CA LEU B 139 -8.27 -9.63 -54.84
C LEU B 139 -8.40 -8.12 -55.04
N LEU B 140 -7.67 -7.30 -54.28
CA LEU B 140 -7.65 -5.83 -54.46
C LEU B 140 -7.07 -5.47 -55.83
N LYS B 141 -6.09 -6.20 -56.33
CA LYS B 141 -5.43 -5.90 -57.63
C LYS B 141 -6.40 -6.28 -58.76
N LYS B 142 -7.17 -7.34 -58.53
CA LYS B 142 -8.17 -7.82 -59.50
C LYS B 142 -9.13 -6.70 -59.90
N HIS B 143 -9.44 -5.78 -58.99
CA HIS B 143 -10.54 -4.76 -59.15
C HIS B 143 -9.97 -3.33 -59.09
N GLY B 144 -8.64 -3.17 -59.14
CA GLY B 144 -7.96 -1.84 -59.09
C GLY B 144 -8.42 -1.01 -57.87
N VAL B 145 -8.46 -1.65 -56.71
CA VAL B 145 -8.83 -1.09 -55.38
C VAL B 145 -7.54 -0.85 -54.64
N PRO B 146 -7.18 0.43 -54.37
CA PRO B 146 -6.06 0.77 -53.51
C PRO B 146 -6.38 0.33 -52.09
N VAL B 147 -5.32 0.08 -51.32
CA VAL B 147 -5.39 -0.38 -49.91
C VAL B 147 -6.08 0.76 -49.15
N PRO B 148 -7.20 0.52 -48.42
CA PRO B 148 -7.95 1.63 -47.84
C PRO B 148 -7.14 2.26 -46.69
N ALA B 149 -7.08 3.60 -46.67
CA ALA B 149 -6.34 4.43 -45.69
C ALA B 149 -7.30 5.12 -44.70
N THR B 150 -8.60 5.26 -45.04
CA THR B 150 -9.62 5.90 -44.16
C THR B 150 -10.81 4.98 -43.96
N LEU B 151 -11.57 5.18 -42.87
CA LEU B 151 -12.82 4.38 -42.68
C LEU B 151 -13.63 4.47 -43.96
N GLU B 152 -13.86 5.69 -44.46
CA GLU B 152 -14.62 6.00 -45.71
C GLU B 152 -14.15 5.08 -46.85
N GLU B 153 -12.84 5.01 -47.08
CA GLU B 153 -12.27 4.26 -48.23
C GLU B 153 -12.54 2.77 -48.01
N PHE B 154 -12.43 2.31 -46.75
CA PHE B 154 -12.63 0.91 -46.31
C PHE B 154 -14.06 0.40 -46.58
N VAL B 155 -15.07 1.16 -46.15
CA VAL B 155 -16.51 0.90 -46.44
C VAL B 155 -16.75 0.91 -47.95
N ALA B 156 -16.22 1.90 -48.68
CA ALA B 156 -16.44 2.01 -50.14
C ALA B 156 -15.78 0.83 -50.85
N ALA B 157 -14.57 0.43 -50.43
CA ALA B 157 -13.79 -0.67 -51.01
C ALA B 157 -14.45 -2.03 -50.70
N ALA B 158 -14.90 -2.25 -49.45
CA ALA B 158 -15.63 -3.48 -49.04
C ALA B 158 -16.91 -3.63 -49.88
N LYS B 159 -17.66 -2.54 -50.11
CA LYS B 159 -18.90 -2.55 -50.94
C LYS B 159 -18.56 -2.84 -52.39
N LYS B 160 -17.42 -2.38 -52.87
CA LYS B 160 -17.05 -2.48 -54.31
C LYS B 160 -16.60 -3.91 -54.62
N LEU B 161 -15.84 -4.53 -53.70
CA LEU B 161 -15.31 -5.91 -53.87
C LEU B 161 -16.45 -6.91 -53.61
N SER B 162 -17.33 -6.63 -52.65
CA SER B 162 -18.47 -7.52 -52.29
C SER B 162 -19.40 -7.65 -53.50
N ARG B 163 -19.76 -6.50 -54.08
CA ARG B 163 -20.65 -6.42 -55.26
C ARG B 163 -19.99 -7.22 -56.39
N ALA B 164 -18.71 -6.98 -56.65
CA ALA B 164 -17.99 -7.60 -57.78
C ALA B 164 -17.94 -9.12 -57.60
N GLU B 165 -17.75 -9.65 -56.37
CA GLU B 165 -17.44 -11.09 -56.10
C GLU B 165 -18.69 -11.87 -55.68
N GLY B 166 -19.83 -11.23 -55.44
CA GLY B 166 -21.11 -11.88 -55.08
C GLY B 166 -21.16 -12.32 -53.61
N GLY B 167 -20.45 -11.64 -52.72
CA GLY B 167 -20.34 -12.07 -51.31
C GLY B 167 -19.54 -11.10 -50.44
N PRO B 168 -19.76 -11.10 -49.12
CA PRO B 168 -19.21 -10.05 -48.26
C PRO B 168 -17.71 -10.26 -48.01
N VAL B 169 -16.89 -9.22 -48.24
CA VAL B 169 -15.40 -9.33 -48.30
C VAL B 169 -14.74 -8.79 -47.02
N TYR B 170 -15.39 -7.99 -46.19
CA TYR B 170 -14.83 -7.64 -44.86
C TYR B 170 -15.23 -8.73 -43.86
N TRP B 171 -14.28 -9.57 -43.41
CA TRP B 171 -14.54 -10.66 -42.42
C TRP B 171 -14.20 -10.18 -41.01
N PHE B 172 -15.08 -10.38 -40.04
CA PHE B 172 -14.90 -9.93 -38.65
C PHE B 172 -15.54 -10.96 -37.76
N GLN B 173 -15.05 -11.08 -36.54
CA GLN B 173 -15.66 -11.81 -35.43
C GLN B 173 -16.53 -10.76 -34.74
N PRO B 174 -17.80 -11.08 -34.39
CA PRO B 174 -18.67 -10.19 -33.62
C PRO B 174 -18.33 -10.21 -32.12
N ASP B 175 -17.18 -9.63 -31.81
CA ASP B 175 -16.55 -9.70 -30.45
C ASP B 175 -16.11 -8.30 -30.00
N ALA B 176 -15.72 -8.13 -28.74
CA ALA B 176 -15.33 -6.82 -28.13
C ALA B 176 -14.13 -6.24 -28.83
N SER B 177 -13.21 -7.09 -29.28
CA SER B 177 -11.94 -6.68 -29.91
C SER B 177 -12.23 -5.98 -31.25
N THR B 178 -13.09 -6.53 -32.07
CA THR B 178 -13.36 -5.97 -33.40
C THR B 178 -14.13 -4.66 -33.17
N PHE B 179 -15.14 -4.72 -32.30
CA PHE B 179 -16.02 -3.58 -31.93
C PHE B 179 -15.10 -2.46 -31.46
N ALA B 180 -14.06 -2.80 -30.69
CA ALA B 180 -13.05 -1.84 -30.16
C ALA B 180 -12.45 -1.01 -31.31
N TYR B 181 -12.09 -1.64 -32.42
CA TYR B 181 -11.47 -0.93 -33.55
C TYR B 181 -12.42 0.19 -34.01
N PHE B 182 -13.69 -0.07 -34.22
CA PHE B 182 -14.65 0.90 -34.83
C PHE B 182 -15.07 1.94 -33.77
N PHE B 183 -15.32 1.47 -32.53
CA PHE B 183 -15.58 2.35 -31.35
C PHE B 183 -14.52 3.45 -31.22
N PHE B 184 -13.25 3.06 -31.13
CA PHE B 184 -12.11 3.98 -30.89
C PHE B 184 -12.01 4.95 -32.06
N ASN B 185 -12.06 4.47 -33.31
CA ASN B 185 -11.81 5.36 -34.48
C ASN B 185 -13.04 6.18 -34.87
N LEU B 186 -14.14 6.11 -34.09
CA LEU B 186 -15.31 7.03 -34.20
C LEU B 186 -15.39 7.92 -32.94
N GLY B 187 -14.30 8.03 -32.18
CA GLY B 187 -14.18 9.03 -31.12
C GLY B 187 -14.63 8.49 -29.78
N GLY B 188 -14.90 7.20 -29.72
CA GLY B 188 -15.52 6.59 -28.52
C GLY B 188 -14.46 6.30 -27.49
N SER B 189 -14.83 6.42 -26.23
CA SER B 189 -13.96 6.04 -25.08
C SER B 189 -14.83 5.32 -24.05
N TYR B 190 -14.24 4.36 -23.35
CA TYR B 190 -14.98 3.50 -22.39
C TYR B 190 -15.24 4.23 -21.06
N LEU B 191 -14.27 4.97 -20.48
CA LEU B 191 -14.51 5.70 -19.20
C LEU B 191 -15.01 7.13 -19.46
N LYS B 192 -16.01 7.55 -18.69
CA LYS B 192 -16.60 8.92 -18.71
C LYS B 192 -16.65 9.43 -17.27
N ASP B 193 -15.59 10.14 -16.88
CA ASP B 193 -15.44 10.76 -15.54
C ASP B 193 -15.33 9.60 -14.54
N GLY B 194 -14.72 8.50 -14.97
CA GLY B 194 -14.38 7.33 -14.10
C GLY B 194 -15.36 6.19 -14.25
N LYS B 195 -16.50 6.43 -14.93
CA LYS B 195 -17.62 5.46 -15.02
C LYS B 195 -17.53 4.71 -16.33
N LEU B 196 -17.58 3.39 -16.25
CA LEU B 196 -17.45 2.50 -17.43
C LEU B 196 -18.74 2.65 -18.22
N VAL B 197 -18.65 3.08 -19.48
CA VAL B 197 -19.87 3.31 -20.32
C VAL B 197 -19.75 2.47 -21.59
N LEU B 198 -20.73 1.57 -21.78
CA LEU B 198 -20.82 0.69 -22.96
C LEU B 198 -21.85 1.21 -23.97
N ASN B 199 -22.67 2.23 -23.67
CA ASN B 199 -23.86 2.55 -24.51
C ASN B 199 -23.82 4.00 -25.01
N SER B 200 -22.66 4.64 -24.98
CA SER B 200 -22.43 5.99 -25.54
C SER B 200 -22.82 5.98 -27.03
N LYS B 201 -23.01 7.14 -27.65
CA LYS B 201 -23.52 7.20 -29.03
C LYS B 201 -22.42 6.72 -30.01
N GLU B 202 -21.14 6.70 -29.62
CA GLU B 202 -20.04 6.18 -30.48
C GLU B 202 -20.05 4.64 -30.45
N ALA B 203 -20.55 4.06 -29.36
CA ALA B 203 -20.79 2.62 -29.20
C ALA B 203 -21.91 2.25 -30.16
N VAL B 204 -23.03 2.93 -30.04
CA VAL B 204 -24.22 2.69 -30.89
C VAL B 204 -23.78 2.87 -32.37
N GLU B 205 -23.01 3.92 -32.69
CA GLU B 205 -22.61 4.18 -34.10
C GLU B 205 -21.77 3.01 -34.61
N ALA B 206 -20.93 2.44 -33.72
CA ALA B 206 -19.91 1.43 -34.04
C ALA B 206 -20.55 0.08 -34.33
N LEU B 207 -21.47 -0.35 -33.45
CA LEU B 207 -22.30 -1.56 -33.63
C LEU B 207 -23.24 -1.37 -34.82
N THR B 208 -23.77 -0.16 -35.02
CA THR B 208 -24.68 0.09 -36.16
C THR B 208 -23.88 -0.19 -37.43
N LEU B 209 -22.64 0.26 -37.51
CA LEU B 209 -21.87 0.24 -38.77
C LEU B 209 -21.71 -1.22 -39.22
N LEU B 210 -21.21 -2.06 -38.31
CA LEU B 210 -21.09 -3.52 -38.50
C LEU B 210 -22.45 -4.14 -38.86
N GLN B 211 -23.53 -3.74 -38.19
CA GLN B 211 -24.86 -4.33 -38.43
C GLN B 211 -25.31 -3.91 -39.84
N ASN B 212 -25.12 -2.64 -40.21
CA ASN B 212 -25.46 -2.14 -41.56
C ASN B 212 -24.58 -2.87 -42.58
N GLY B 213 -23.29 -3.12 -42.24
CA GLY B 213 -22.31 -3.83 -43.08
C GLY B 213 -22.76 -5.22 -43.43
N VAL B 214 -23.32 -5.91 -42.43
CA VAL B 214 -23.84 -7.29 -42.59
C VAL B 214 -25.09 -7.23 -43.47
N LYS B 215 -25.99 -6.28 -43.19
CA LYS B 215 -27.32 -6.15 -43.86
C LYS B 215 -27.07 -5.84 -45.34
N GLU B 216 -26.07 -4.99 -45.64
CA GLU B 216 -25.80 -4.43 -46.98
C GLU B 216 -24.94 -5.41 -47.78
N GLY B 217 -24.51 -6.53 -47.17
CA GLY B 217 -23.79 -7.60 -47.88
C GLY B 217 -22.32 -7.30 -48.08
N TRP B 218 -21.69 -6.38 -47.32
CA TRP B 218 -20.22 -6.18 -47.40
C TRP B 218 -19.50 -6.74 -46.16
N ALA B 219 -20.14 -6.98 -45.02
CA ALA B 219 -19.46 -7.58 -43.85
C ALA B 219 -19.97 -8.99 -43.57
N LYS B 220 -19.05 -9.92 -43.29
CA LYS B 220 -19.32 -11.34 -43.00
C LYS B 220 -18.98 -11.67 -41.55
N PRO B 221 -19.98 -11.91 -40.70
CA PRO B 221 -19.74 -12.32 -39.32
C PRO B 221 -19.17 -13.75 -39.39
N ILE B 222 -18.08 -14.02 -38.68
CA ILE B 222 -17.41 -15.36 -38.60
C ILE B 222 -17.75 -15.97 -37.24
N THR B 223 -18.50 -17.07 -37.20
CA THR B 223 -19.12 -17.59 -35.95
C THR B 223 -18.47 -18.90 -35.50
N SER B 224 -17.53 -19.45 -36.25
CA SER B 224 -16.85 -20.72 -35.92
C SER B 224 -15.38 -20.59 -36.28
N GLY B 225 -14.52 -20.54 -35.26
CA GLY B 225 -13.05 -20.50 -35.42
C GLY B 225 -12.53 -19.08 -35.59
N TYR B 226 -11.21 -18.94 -35.75
CA TYR B 226 -10.54 -17.66 -36.09
C TYR B 226 -10.78 -17.36 -37.58
N ILE B 227 -10.73 -16.10 -37.95
CA ILE B 227 -10.88 -15.68 -39.38
C ILE B 227 -9.95 -16.56 -40.24
N ASN B 228 -8.70 -16.76 -39.84
CA ASN B 228 -7.63 -17.43 -40.67
C ASN B 228 -7.96 -18.90 -40.85
N GLN B 229 -8.85 -19.42 -40.00
CA GLN B 229 -9.37 -20.81 -40.06
C GLN B 229 -10.58 -20.87 -41.01
N ASN B 230 -11.07 -19.74 -41.55
CA ASN B 230 -12.24 -19.75 -42.46
C ASN B 230 -11.82 -19.40 -43.88
N LEU B 231 -10.60 -18.93 -44.11
CA LEU B 231 -10.15 -18.53 -45.47
C LEU B 231 -10.36 -19.76 -46.37
N GLY B 232 -10.82 -19.54 -47.61
CA GLY B 232 -11.09 -20.62 -48.59
C GLY B 232 -12.58 -20.82 -48.86
N SER B 233 -13.46 -20.39 -47.94
CA SER B 233 -14.93 -20.38 -48.11
C SER B 233 -15.44 -19.01 -48.56
N GLY B 234 -15.36 -18.70 -49.85
CA GLY B 234 -15.90 -17.44 -50.43
C GLY B 234 -14.88 -16.29 -50.44
N PRO B 235 -15.24 -15.13 -51.03
CA PRO B 235 -14.27 -14.08 -51.28
C PRO B 235 -13.86 -13.39 -49.96
N TYR B 236 -12.56 -13.33 -49.70
CA TYR B 236 -11.91 -12.60 -48.58
C TYR B 236 -11.10 -11.43 -49.16
N ALA B 237 -11.35 -10.22 -48.66
CA ALA B 237 -10.59 -9.00 -49.03
C ALA B 237 -9.87 -8.44 -47.80
N PHE B 238 -10.52 -8.39 -46.63
CA PHE B 238 -9.87 -7.74 -45.45
C PHE B 238 -10.37 -8.32 -44.13
N SER B 239 -9.63 -8.03 -43.08
CA SER B 239 -10.02 -8.35 -41.69
C SER B 239 -9.19 -7.43 -40.81
N VAL B 240 -9.79 -6.97 -39.71
CA VAL B 240 -9.06 -6.27 -38.64
C VAL B 240 -8.78 -7.28 -37.55
N ASP B 241 -7.49 -7.51 -37.26
CA ASP B 241 -7.07 -8.71 -36.51
C ASP B 241 -5.71 -8.47 -35.88
N THR B 242 -5.48 -9.13 -34.74
CA THR B 242 -4.21 -9.18 -34.00
C THR B 242 -3.04 -9.49 -34.95
N SER B 243 -1.96 -8.72 -34.79
CA SER B 243 -0.62 -8.97 -35.38
C SER B 243 -0.13 -10.39 -35.00
N ALA B 244 -0.61 -10.98 -33.90
CA ALA B 244 -0.23 -12.35 -33.45
C ALA B 244 -0.84 -13.44 -34.36
N GLY B 245 -1.79 -13.07 -35.20
CA GLY B 245 -2.38 -14.03 -36.16
C GLY B 245 -1.57 -14.15 -37.44
N TYR B 246 -0.44 -13.47 -37.54
CA TYR B 246 0.26 -13.27 -38.82
C TYR B 246 0.72 -14.62 -39.39
N THR B 247 1.31 -15.52 -38.59
CA THR B 247 1.76 -16.85 -39.09
C THR B 247 0.54 -17.73 -39.45
N TYR B 248 -0.57 -17.65 -38.70
CA TYR B 248 -1.81 -18.45 -39.00
C TYR B 248 -2.43 -18.01 -40.35
N TYR B 249 -2.54 -16.70 -40.57
CA TYR B 249 -2.96 -16.14 -41.88
C TYR B 249 -2.03 -16.69 -42.98
N LEU B 250 -0.72 -16.64 -42.73
CA LEU B 250 0.34 -16.94 -43.74
C LEU B 250 0.24 -18.41 -44.15
N ARG B 251 0.01 -19.28 -43.16
CA ARG B 251 -0.12 -20.77 -43.31
C ARG B 251 -1.40 -21.10 -44.10
N ALA B 252 -2.48 -20.31 -43.88
CA ALA B 252 -3.85 -20.61 -44.34
C ALA B 252 -4.10 -20.03 -45.74
N ALA B 253 -3.62 -18.83 -46.03
CA ALA B 253 -4.03 -18.04 -47.21
C ALA B 253 -3.54 -18.74 -48.46
N LYS B 254 -4.44 -18.93 -49.43
CA LYS B 254 -4.14 -19.48 -50.79
C LYS B 254 -3.92 -18.32 -51.78
N PHE B 255 -3.97 -17.07 -51.28
CA PHE B 255 -3.75 -15.81 -52.02
C PHE B 255 -2.50 -15.15 -51.43
N ASP B 256 -1.97 -14.10 -52.11
CA ASP B 256 -0.84 -13.27 -51.61
C ASP B 256 -1.31 -12.42 -50.42
N LEU B 257 -0.81 -12.69 -49.22
CA LEU B 257 -1.26 -12.01 -47.99
C LEU B 257 -0.60 -10.62 -47.92
N GLY B 258 -1.38 -9.60 -47.63
CA GLY B 258 -0.89 -8.24 -47.33
C GLY B 258 -1.20 -7.89 -45.88
N VAL B 259 -0.37 -7.03 -45.27
CA VAL B 259 -0.61 -6.40 -43.95
C VAL B 259 -0.46 -4.90 -44.15
N ALA B 260 -1.38 -4.12 -43.61
CA ALA B 260 -1.34 -2.66 -43.74
C ALA B 260 -1.71 -2.06 -42.39
N THR B 261 -1.36 -0.79 -42.19
CA THR B 261 -1.85 -0.02 -41.04
C THR B 261 -3.38 0.09 -41.18
N LEU B 262 -4.04 0.39 -40.07
CA LEU B 262 -5.52 0.47 -39.97
C LEU B 262 -5.99 1.73 -40.68
N PRO B 263 -7.12 1.64 -41.38
CA PRO B 263 -7.87 2.83 -41.76
C PRO B 263 -8.15 3.70 -40.51
N GLY B 264 -7.99 5.02 -40.65
CA GLY B 264 -8.36 6.01 -39.63
C GLY B 264 -9.34 7.03 -40.16
N ARG B 265 -9.83 7.93 -39.31
CA ARG B 265 -10.76 9.03 -39.71
C ARG B 265 -10.22 9.76 -40.95
N THR B 266 -8.92 10.07 -41.00
CA THR B 266 -8.31 10.83 -42.13
C THR B 266 -6.98 10.19 -42.55
N LYS B 267 -6.44 10.60 -43.70
CA LYS B 267 -5.13 10.09 -44.22
C LYS B 267 -3.97 10.64 -43.37
N GLY B 268 -4.23 11.64 -42.51
CA GLY B 268 -3.27 12.25 -41.58
C GLY B 268 -2.66 11.23 -40.62
N GLN B 269 -3.41 10.21 -40.27
CA GLN B 269 -2.94 9.20 -39.30
C GLN B 269 -3.64 7.87 -39.58
N PRO B 270 -2.91 6.73 -39.42
CA PRO B 270 -3.54 5.42 -39.32
C PRO B 270 -4.46 5.36 -38.11
N GLY B 271 -5.60 4.67 -38.21
CA GLY B 271 -6.56 4.52 -37.11
C GLY B 271 -5.91 3.80 -35.95
N TYR B 272 -6.47 3.92 -34.75
CA TYR B 272 -5.94 3.22 -33.56
C TYR B 272 -6.24 1.71 -33.66
N GLY B 273 -5.25 0.89 -33.33
CA GLY B 273 -5.44 -0.55 -33.10
C GLY B 273 -5.53 -0.86 -31.62
N LEU B 274 -6.26 -1.91 -31.28
CA LEU B 274 -6.35 -2.47 -29.92
C LEU B 274 -5.06 -3.23 -29.64
N VAL B 275 -4.47 -2.97 -28.49
CA VAL B 275 -3.32 -3.75 -27.96
C VAL B 275 -3.89 -4.95 -27.23
N ALA B 276 -3.33 -6.13 -27.50
CA ALA B 276 -3.72 -7.40 -26.84
C ALA B 276 -2.47 -8.21 -26.55
N GLY B 277 -2.57 -9.51 -26.44
CA GLY B 277 -1.52 -10.30 -25.81
C GLY B 277 -1.27 -9.85 -24.39
N THR B 278 -0.25 -10.46 -23.75
CA THR B 278 -0.07 -10.43 -22.28
C THR B 278 1.33 -9.96 -21.81
N ASN B 279 1.41 -9.76 -20.50
CA ASN B 279 2.56 -9.39 -19.65
C ASN B 279 2.89 -10.59 -18.76
N LEU B 280 4.15 -10.80 -18.37
CA LEU B 280 4.50 -11.86 -17.39
C LEU B 280 4.47 -11.30 -15.95
N VAL B 281 3.76 -11.96 -15.03
CA VAL B 281 3.64 -11.53 -13.59
C VAL B 281 4.41 -12.51 -12.72
N VAL B 282 4.87 -12.07 -11.55
CA VAL B 282 5.58 -12.98 -10.62
C VAL B 282 4.79 -13.04 -9.31
N PHE B 283 4.46 -14.25 -8.89
CA PHE B 283 3.60 -14.52 -7.70
C PHE B 283 4.48 -14.50 -6.43
N ARG B 284 3.96 -13.81 -5.41
CA ARG B 284 4.64 -13.65 -4.08
C ARG B 284 4.90 -15.03 -3.46
N GLN B 285 4.02 -16.00 -3.65
CA GLN B 285 4.12 -17.33 -2.95
C GLN B 285 5.41 -18.03 -3.41
N ALA B 286 6.00 -17.62 -4.54
CA ALA B 286 7.25 -18.20 -5.08
C ALA B 286 8.36 -18.10 -4.02
N SER B 287 9.28 -19.08 -4.00
CA SER B 287 10.47 -19.08 -3.12
C SER B 287 11.48 -18.06 -3.67
N LYS B 288 12.46 -17.67 -2.84
CA LYS B 288 13.58 -16.75 -3.20
C LYS B 288 14.32 -17.29 -4.41
N GLU B 289 14.63 -18.58 -4.39
CA GLU B 289 15.29 -19.32 -5.49
C GLU B 289 14.47 -19.14 -6.79
N GLU B 290 13.17 -19.43 -6.75
CA GLU B 290 12.31 -19.40 -7.97
C GLU B 290 12.20 -17.96 -8.46
N GLN B 291 12.12 -17.00 -7.52
CA GLN B 291 12.03 -15.56 -7.84
C GLN B 291 13.30 -15.11 -8.57
N ALA B 292 14.44 -15.70 -8.26
CA ALA B 292 15.75 -15.39 -8.89
C ALA B 292 15.78 -15.93 -10.33
N VAL B 293 15.19 -17.10 -10.55
CA VAL B 293 15.05 -17.69 -11.91
C VAL B 293 14.17 -16.73 -12.71
N ALA B 294 13.07 -16.28 -12.09
CA ALA B 294 12.09 -15.32 -12.65
C ALA B 294 12.80 -14.06 -13.12
N LYS B 295 13.55 -13.42 -12.21
CA LYS B 295 14.38 -12.22 -12.51
C LYS B 295 15.25 -12.53 -13.74
N ASP B 296 15.99 -13.62 -13.71
CA ASP B 296 16.98 -13.96 -14.77
C ASP B 296 16.24 -14.17 -16.08
N PHE B 297 15.07 -14.81 -16.01
CA PHE B 297 14.23 -15.14 -17.18
C PHE B 297 13.61 -13.87 -17.74
N LEU B 298 13.24 -12.92 -16.89
CA LEU B 298 12.55 -11.68 -17.35
C LEU B 298 13.59 -10.77 -18.03
N GLU B 299 14.84 -10.76 -17.56
CA GLU B 299 15.94 -10.05 -18.25
C GLU B 299 16.26 -10.74 -19.58
N PHE B 300 16.27 -12.07 -19.68
CA PHE B 300 16.50 -12.82 -20.95
C PHE B 300 15.41 -12.48 -21.97
N VAL B 301 14.16 -12.52 -21.53
CA VAL B 301 12.98 -12.20 -22.36
C VAL B 301 13.04 -10.75 -22.93
N LEU B 302 13.63 -9.83 -22.17
CA LEU B 302 13.71 -8.39 -22.51
C LEU B 302 15.02 -8.10 -23.26
N SER B 303 15.90 -9.10 -23.37
CA SER B 303 17.18 -9.02 -24.12
C SER B 303 16.86 -8.85 -25.60
N PRO B 304 17.60 -7.99 -26.32
CA PRO B 304 17.23 -7.66 -27.69
C PRO B 304 17.03 -8.87 -28.62
N ARG B 305 17.86 -9.91 -28.43
CA ARG B 305 17.86 -11.13 -29.27
C ARG B 305 16.59 -11.97 -29.00
N ALA B 306 16.24 -12.27 -27.74
CA ALA B 306 14.97 -12.96 -27.41
C ALA B 306 13.82 -12.18 -28.06
N GLN B 307 13.76 -10.85 -27.87
CA GLN B 307 12.64 -10.00 -28.38
C GLN B 307 12.66 -10.03 -29.93
N ALA B 308 13.81 -9.92 -30.57
CA ALA B 308 13.87 -9.94 -32.05
C ALA B 308 13.32 -11.28 -32.58
N VAL B 309 13.81 -12.41 -32.08
CA VAL B 309 13.45 -13.81 -32.50
C VAL B 309 11.97 -14.08 -32.17
N PHE B 310 11.55 -13.77 -30.95
CA PHE B 310 10.15 -13.91 -30.48
C PHE B 310 9.21 -13.18 -31.43
N ALA B 311 9.50 -11.92 -31.76
CA ALA B 311 8.58 -11.02 -32.52
C ALA B 311 8.57 -11.36 -34.01
N THR B 312 9.70 -11.78 -34.58
CA THR B 312 9.83 -12.20 -36.01
C THR B 312 9.24 -13.61 -36.22
N ALA B 313 9.26 -14.48 -35.19
CA ALA B 313 8.73 -15.85 -35.27
C ALA B 313 7.20 -15.80 -35.19
N THR B 314 6.62 -14.68 -34.71
CA THR B 314 5.19 -14.60 -34.29
C THR B 314 4.41 -13.43 -34.93
N GLY B 315 4.98 -12.25 -35.13
CA GLY B 315 4.23 -11.04 -35.50
C GLY B 315 3.75 -10.26 -34.29
N TYR B 316 4.11 -10.66 -33.08
CA TYR B 316 3.98 -9.82 -31.87
C TYR B 316 4.93 -8.61 -31.99
N VAL B 317 4.63 -7.54 -31.26
CA VAL B 317 5.36 -6.23 -31.31
C VAL B 317 6.51 -6.26 -30.29
N PRO B 318 7.76 -6.05 -30.73
CA PRO B 318 8.88 -5.96 -29.80
C PRO B 318 8.62 -4.92 -28.70
N VAL B 319 8.91 -5.23 -27.44
CA VAL B 319 8.50 -4.35 -26.33
C VAL B 319 9.61 -3.35 -26.01
N THR B 320 10.80 -3.47 -26.60
CA THR B 320 12.01 -2.66 -26.27
C THR B 320 12.53 -1.94 -27.51
N GLU B 321 13.14 -0.75 -27.29
CA GLU B 321 13.96 0.01 -28.30
C GLU B 321 15.04 -0.92 -28.89
N GLY B 322 15.72 -1.66 -28.01
CA GLY B 322 16.92 -2.46 -28.29
C GLY B 322 16.63 -3.66 -29.19
N ALA B 323 15.39 -4.17 -29.19
CA ALA B 323 14.97 -5.22 -30.15
C ALA B 323 15.13 -4.69 -31.58
N LEU B 324 14.77 -3.43 -31.84
CA LEU B 324 14.83 -2.84 -33.21
C LEU B 324 16.29 -2.63 -33.68
N LYS B 325 17.24 -2.56 -32.76
CA LYS B 325 18.68 -2.37 -33.13
C LYS B 325 19.36 -3.74 -33.23
N ASP B 326 18.62 -4.84 -32.98
CA ASP B 326 19.15 -6.21 -33.12
C ASP B 326 19.20 -6.63 -34.60
N PRO B 327 20.36 -7.13 -35.08
CA PRO B 327 20.53 -7.65 -36.44
C PRO B 327 19.56 -8.73 -36.93
N VAL B 328 19.11 -9.60 -36.04
CA VAL B 328 18.18 -10.68 -36.44
C VAL B 328 16.85 -10.00 -36.79
N TYR B 329 16.40 -9.06 -35.95
CA TYR B 329 15.19 -8.26 -36.25
C TYR B 329 15.41 -7.61 -37.61
N GLN B 330 16.45 -6.78 -37.71
CA GLN B 330 16.77 -5.97 -38.91
C GLN B 330 16.83 -6.85 -40.16
N ALA B 331 17.31 -8.08 -40.07
CA ALA B 331 17.47 -9.02 -41.21
C ALA B 331 16.08 -9.48 -41.70
N TYR B 332 15.20 -9.81 -40.76
CA TYR B 332 13.80 -10.22 -41.04
C TYR B 332 13.07 -9.03 -41.65
N ALA B 333 13.21 -7.84 -41.07
CA ALA B 333 12.51 -6.62 -41.55
C ALA B 333 12.97 -6.29 -42.99
N ALA B 334 14.22 -6.57 -43.35
CA ALA B 334 14.76 -6.16 -44.67
C ALA B 334 14.17 -7.08 -45.75
N GLU B 335 13.80 -8.32 -45.40
CA GLU B 335 13.24 -9.27 -46.40
CA GLU B 335 13.23 -9.35 -46.30
C GLU B 335 11.70 -9.29 -46.32
N ASN B 336 11.13 -8.62 -45.33
CA ASN B 336 9.70 -8.71 -44.99
C ASN B 336 9.20 -7.36 -44.45
N PRO B 337 8.55 -6.52 -45.28
CA PRO B 337 8.04 -5.22 -44.83
C PRO B 337 6.88 -5.33 -43.82
N ASP B 338 6.27 -6.49 -43.67
CA ASP B 338 5.10 -6.66 -42.78
C ASP B 338 5.50 -6.34 -41.32
N TYR B 339 6.79 -6.53 -40.98
CA TYR B 339 7.29 -6.33 -39.59
C TYR B 339 7.35 -4.85 -39.26
N ALA B 340 7.77 -4.01 -40.21
CA ALA B 340 7.87 -2.54 -40.04
C ALA B 340 6.45 -1.98 -40.00
N THR B 341 5.53 -2.58 -40.75
CA THR B 341 4.09 -2.25 -40.74
C THR B 341 3.52 -2.58 -39.35
N ILE B 342 3.77 -3.75 -38.79
CA ILE B 342 3.28 -4.05 -37.41
C ILE B 342 3.88 -3.05 -36.41
N VAL B 343 5.19 -2.77 -36.44
CA VAL B 343 5.84 -1.76 -35.53
C VAL B 343 5.20 -0.39 -35.77
N ARG B 344 5.05 0.02 -37.03
CA ARG B 344 4.41 1.32 -37.37
C ARG B 344 3.02 1.36 -36.75
N GLN B 345 2.20 0.32 -36.94
CA GLN B 345 0.86 0.27 -36.32
C GLN B 345 0.94 0.30 -34.78
N SER B 346 1.97 -0.29 -34.14
CA SER B 346 2.14 -0.25 -32.65
C SER B 346 2.21 1.20 -32.11
N ARG B 347 2.46 2.20 -32.94
CA ARG B 347 2.52 3.60 -32.43
C ARG B 347 1.11 4.16 -32.22
N TYR B 348 0.08 3.64 -32.89
CA TYR B 348 -1.30 4.18 -32.85
C TYR B 348 -2.18 3.10 -32.22
N ALA B 349 -2.05 3.00 -30.90
CA ALA B 349 -2.47 1.90 -30.03
C ALA B 349 -3.43 2.45 -28.98
N LYS B 350 -4.55 1.77 -28.78
CA LYS B 350 -5.49 2.05 -27.66
C LYS B 350 -5.71 0.77 -26.85
N PHE B 351 -6.00 0.93 -25.57
CA PHE B 351 -6.18 -0.16 -24.58
C PHE B 351 -7.63 -0.19 -24.08
N GLU B 352 -8.05 -1.38 -23.70
CA GLU B 352 -9.32 -1.60 -22.97
C GLU B 352 -9.16 -1.11 -21.53
N PRO B 353 -10.27 -0.89 -20.80
CA PRO B 353 -10.18 -0.57 -19.38
C PRO B 353 -9.42 -1.66 -18.62
N ALA B 354 -8.72 -1.34 -17.53
CA ALA B 354 -7.92 -2.30 -16.71
C ALA B 354 -8.67 -2.59 -15.41
N LEU B 355 -9.98 -2.60 -15.44
CA LEU B 355 -10.83 -2.93 -14.27
C LEU B 355 -10.79 -4.44 -14.00
N ALA B 356 -10.79 -4.86 -12.75
CA ALA B 356 -10.79 -6.28 -12.33
C ALA B 356 -11.90 -7.08 -13.05
N GLU B 357 -13.07 -6.48 -13.26
CA GLU B 357 -14.25 -7.16 -13.85
C GLU B 357 -14.18 -7.19 -15.39
N TRP B 358 -13.15 -6.60 -16.01
CA TRP B 358 -13.18 -6.38 -17.47
C TRP B 358 -13.20 -7.70 -18.26
N GLU B 359 -12.36 -8.69 -17.92
CA GLU B 359 -12.44 -10.00 -18.63
C GLU B 359 -13.91 -10.43 -18.74
N GLN B 360 -14.61 -10.57 -17.62
CA GLN B 360 -16.04 -10.95 -17.61
C GLN B 360 -16.87 -10.03 -18.50
N ILE B 361 -16.74 -8.72 -18.38
CA ILE B 361 -17.59 -7.73 -19.13
C ILE B 361 -17.35 -7.87 -20.65
N ARG B 362 -16.11 -8.09 -21.10
CA ARG B 362 -15.81 -8.01 -22.56
C ARG B 362 -16.41 -9.24 -23.25
N PHE B 363 -16.58 -10.35 -22.52
CA PHE B 363 -16.96 -11.66 -23.11
C PHE B 363 -18.44 -11.97 -22.88
N ASP B 364 -18.86 -12.03 -21.61
CA ASP B 364 -20.24 -12.39 -21.19
C ASP B 364 -21.25 -11.24 -21.37
N ILE B 365 -20.83 -9.97 -21.36
CA ILE B 365 -21.77 -8.81 -21.43
C ILE B 365 -21.61 -8.00 -22.73
N LEU B 366 -20.46 -7.35 -22.97
CA LEU B 366 -20.26 -6.52 -24.19
C LEU B 366 -20.27 -7.45 -25.43
N GLY B 367 -19.44 -8.53 -25.42
CA GLY B 367 -19.35 -9.57 -26.47
C GLY B 367 -20.71 -10.09 -26.91
N GLN B 368 -21.57 -10.43 -25.92
CA GLN B 368 -22.94 -10.96 -26.10
C GLN B 368 -23.86 -9.89 -26.70
N ALA B 369 -23.80 -8.65 -26.21
CA ALA B 369 -24.53 -7.53 -26.81
C ALA B 369 -24.16 -7.44 -28.30
N ILE B 370 -22.88 -7.50 -28.62
CA ILE B 370 -22.44 -7.41 -30.06
C ILE B 370 -23.02 -8.59 -30.87
N LYS B 371 -23.04 -9.80 -30.30
CA LYS B 371 -23.54 -11.03 -30.99
C LYS B 371 -25.06 -10.91 -31.20
N GLU B 372 -25.79 -10.47 -30.19
CA GLU B 372 -27.24 -10.18 -30.30
C GLU B 372 -27.46 -9.31 -31.54
N ALA B 373 -26.67 -8.25 -31.68
CA ALA B 373 -26.93 -7.17 -32.67
C ALA B 373 -26.66 -7.73 -34.06
N ILE B 374 -25.55 -8.45 -34.17
CA ILE B 374 -24.92 -8.86 -35.46
C ILE B 374 -25.63 -10.12 -35.97
N LEU B 375 -25.77 -11.13 -35.12
CA LEU B 375 -26.31 -12.47 -35.48
C LEU B 375 -27.85 -12.56 -35.32
N ASN B 376 -28.47 -11.85 -34.35
CA ASN B 376 -29.91 -12.00 -33.97
C ASN B 376 -30.69 -10.70 -34.26
N LYS B 377 -30.04 -9.70 -34.84
CA LYS B 377 -30.62 -8.45 -35.40
C LYS B 377 -31.29 -7.59 -34.32
N ALA B 378 -30.87 -7.75 -33.05
CA ALA B 378 -31.14 -6.81 -31.93
C ALA B 378 -30.71 -5.40 -32.36
N ASP B 379 -31.56 -4.42 -32.06
CA ASP B 379 -31.23 -2.99 -32.14
C ASP B 379 -29.95 -2.72 -31.35
N PRO B 380 -28.92 -2.13 -31.99
CA PRO B 380 -27.65 -1.82 -31.32
C PRO B 380 -27.82 -1.09 -29.98
N LYS B 381 -28.57 0.02 -30.02
CA LYS B 381 -28.87 0.82 -28.80
C LYS B 381 -29.46 -0.06 -27.70
N ALA B 382 -30.47 -0.90 -27.97
CA ALA B 382 -31.14 -1.73 -26.93
C ALA B 382 -30.23 -2.87 -26.45
N ALA B 383 -29.46 -3.44 -27.37
CA ALA B 383 -28.46 -4.47 -27.02
C ALA B 383 -27.48 -3.87 -26.02
N LEU B 384 -26.87 -2.72 -26.36
CA LEU B 384 -25.80 -2.07 -25.55
C LEU B 384 -26.35 -1.49 -24.25
N ASP B 385 -27.58 -0.96 -24.29
CA ASP B 385 -28.35 -0.48 -23.12
C ASP B 385 -28.54 -1.61 -22.11
N ARG B 386 -28.74 -2.84 -22.58
CA ARG B 386 -28.84 -4.01 -21.68
C ARG B 386 -27.47 -4.21 -21.04
N ALA B 387 -26.43 -4.23 -21.87
CA ALA B 387 -25.00 -4.39 -21.50
C ALA B 387 -24.69 -3.40 -20.40
N GLN B 388 -25.09 -2.14 -20.59
CA GLN B 388 -24.71 -1.02 -19.68
C GLN B 388 -25.25 -1.33 -18.27
N LYS B 389 -26.46 -1.89 -18.24
CA LYS B 389 -27.28 -2.25 -17.06
C LYS B 389 -26.64 -3.46 -16.35
N LEU B 390 -26.22 -4.48 -17.12
CA LEU B 390 -25.57 -5.69 -16.53
C LEU B 390 -24.24 -5.25 -15.94
N ALA B 391 -23.40 -4.59 -16.75
CA ALA B 391 -22.10 -4.05 -16.33
C ALA B 391 -22.25 -3.35 -14.97
N GLU B 392 -23.13 -2.34 -14.88
CA GLU B 392 -23.46 -1.58 -13.63
C GLU B 392 -23.88 -2.54 -12.50
N ASP B 393 -24.76 -3.51 -12.74
CA ASP B 393 -25.18 -4.53 -11.74
C ASP B 393 -23.95 -5.33 -11.29
N LEU B 394 -23.12 -5.83 -12.22
CA LEU B 394 -21.93 -6.63 -11.86
C LEU B 394 -21.02 -5.78 -10.96
N LEU B 395 -20.77 -4.51 -11.32
CA LEU B 395 -19.80 -3.61 -10.63
C LEU B 395 -20.28 -3.28 -9.22
N SER B 396 -21.50 -2.75 -9.08
CA SER B 396 -22.14 -2.41 -7.77
C SER B 396 -21.86 -3.53 -6.76
N SER B 397 -22.04 -4.80 -7.15
CA SER B 397 -22.02 -5.96 -6.23
C SER B 397 -20.59 -6.25 -5.77
#